data_5U43
#
_entry.id   5U43
#
_cell.length_a   39.640
_cell.length_b   95.010
_cell.length_c   96.320
_cell.angle_alpha   90.00
_cell.angle_beta   97.60
_cell.angle_gamma   90.00
#
_symmetry.space_group_name_H-M   'P 1 21 1'
#
loop_
_entity.id
_entity.type
_entity.pdbx_description
1 polymer 'Peroxisome proliferator-activated receptor delta'
2 non-polymer "6-(2-{[cyclopropyl(4'-methoxy[1,1'-biphenyl]-4-carbonyl)amino]methyl}phenoxy)hexanoic acid"
3 non-polymer S-1,2-PROPANEDIOL
4 non-polymer DI(HYDROXYETHYL)ETHER
5 non-polymer 'heptyl beta-D-glucopyranoside'
6 water water
#
_entity_poly.entity_id   1
_entity_poly.type   'polypeptide(L)'
_entity_poly.pdbx_seq_one_letter_code
;PQVADLKAFSKHIYNAYLKNFNMTKKKARSILTGKASHTAPFVIHDIETLWQAEKGLVWKQLVNGLPPYKEISVHVFYRC
QCTTVETVRELTEFAKSIPSFSSLFLNDQVTLLKYGVHEAIFAMLASIVNKDGLLVANGSGFVTREFLRSLRKPFSDIIE
PKFEFAVKFNALELDDSDLALFIAAIILCGDRPGLMNVPRVEAIQDTILRALEFHLQANHPDAQYLFPKLLQKMADLRQL
VTEHAQMMQRIKKTETETSLHPLLQEIYKDMY
;
_entity_poly.pdbx_strand_id   A,B
#
loop_
_chem_comp.id
_chem_comp.type
_chem_comp.name
_chem_comp.formula
7SS non-polymer '6-(2-{[cyclopropyl(4'-methoxy[1,1'-biphenyl]-4-carbonyl)amino]methyl}phenoxy)hexanoic acid' 'C30 H33 N O5'
B7G D-saccharide 'heptyl beta-D-glucopyranoside' 'C13 H26 O6'
PEG non-polymer DI(HYDROXYETHYL)ETHER 'C4 H10 O3'
PGO non-polymer S-1,2-PROPANEDIOL 'C3 H8 O2'
#
# COMPACT_ATOMS: atom_id res chain seq x y z
N PRO A 1 -15.94 -12.16 28.21
CA PRO A 1 -15.21 -12.67 27.05
C PRO A 1 -14.95 -11.58 26.04
N GLN A 2 -15.90 -10.65 25.92
CA GLN A 2 -15.65 -9.44 25.17
C GLN A 2 -14.44 -8.73 25.74
N VAL A 3 -14.40 -8.54 27.06
CA VAL A 3 -13.28 -7.85 27.70
C VAL A 3 -11.99 -8.66 27.57
N ALA A 4 -12.10 -9.99 27.60
CA ALA A 4 -10.91 -10.83 27.54
C ALA A 4 -10.29 -10.83 26.15
N ASP A 5 -11.11 -10.96 25.11
CA ASP A 5 -10.58 -11.01 23.76
C ASP A 5 -9.92 -9.71 23.37
N LEU A 6 -10.47 -8.60 23.84
CA LEU A 6 -9.92 -7.32 23.47
C LEU A 6 -8.59 -7.06 24.16
N LYS A 7 -8.38 -7.65 25.31
CA LYS A 7 -7.14 -7.44 26.04
C LYS A 7 -5.94 -8.03 25.29
N ALA A 8 -6.09 -9.25 24.76
CA ALA A 8 -5.06 -9.80 23.88
C ALA A 8 -4.88 -8.93 22.63
N PHE A 9 -5.99 -8.46 22.06
CA PHE A 9 -5.92 -7.56 20.92
C PHE A 9 -5.08 -6.33 21.24
N SER A 10 -5.29 -5.74 22.42
CA SER A 10 -4.56 -4.53 22.77
C SER A 10 -3.08 -4.82 22.92
N LYS A 11 -2.73 -6.01 23.44
CA LYS A 11 -1.32 -6.33 23.63
C LYS A 11 -0.61 -6.49 22.28
N HIS A 12 -1.30 -7.01 21.27
CA HIS A 12 -0.74 -7.11 19.91
C HIS A 12 -0.49 -5.73 19.31
N ILE A 13 -1.44 -4.79 19.46
CA ILE A 13 -1.23 -3.39 19.07
C ILE A 13 -0.04 -2.79 19.82
N TYR A 14 0.01 -3.00 21.13
CA TYR A 14 1.12 -2.45 21.89
C TYR A 14 2.46 -2.97 21.36
N ASN A 15 2.56 -4.25 21.03
CA ASN A 15 3.84 -4.78 20.59
C ASN A 15 4.22 -4.23 19.20
N ALA A 16 3.23 -4.04 18.32
CA ALA A 16 3.46 -3.36 17.05
C ALA A 16 4.04 -1.97 17.26
N TYR A 17 3.50 -1.24 18.23
CA TYR A 17 3.99 0.07 18.60
C TYR A 17 5.44 0.01 19.06
N LEU A 18 5.75 -0.91 19.99
CA LEU A 18 7.08 -0.97 20.56
C LEU A 18 8.11 -1.46 19.54
N LYS A 19 7.70 -2.28 18.57
CA LYS A 19 8.60 -2.72 17.52
C LYS A 19 8.92 -1.63 16.49
N ASN A 20 8.10 -0.60 16.35
CA ASN A 20 8.17 0.24 15.15
C ASN A 20 8.47 1.70 15.38
N PHE A 21 8.23 2.22 16.56
CA PHE A 21 8.46 3.64 16.82
C PHE A 21 9.83 3.86 17.44
N ASN A 22 10.52 4.90 16.95
CA ASN A 22 11.89 5.14 17.37
C ASN A 22 11.96 5.62 18.81
N MET A 23 11.00 6.41 19.25
CA MET A 23 11.01 6.84 20.63
C MET A 23 9.64 6.63 21.25
N THR A 24 9.64 6.03 22.44
CA THR A 24 8.42 5.93 23.25
C THR A 24 8.21 7.24 24.03
N LYS A 25 6.96 7.46 24.44
CA LYS A 25 6.69 8.51 25.41
C LYS A 25 7.43 8.24 26.72
N LYS A 26 7.52 6.97 27.14
CA LYS A 26 8.26 6.69 28.36
C LYS A 26 9.67 7.26 28.24
N LYS A 27 10.32 7.01 27.10
CA LYS A 27 11.69 7.48 26.91
C LYS A 27 11.74 8.99 26.88
N ALA A 28 10.84 9.60 26.10
CA ALA A 28 10.82 11.03 25.91
C ALA A 28 10.62 11.77 27.22
N ARG A 29 9.65 11.34 28.02
CA ARG A 29 9.43 11.99 29.32
C ARG A 29 10.64 11.88 30.22
N SER A 30 11.34 10.73 30.17
CA SER A 30 12.51 10.57 31.03
C SER A 30 13.60 11.57 30.65
N ILE A 31 13.73 11.87 29.35
CA ILE A 31 14.70 12.88 28.91
C ILE A 31 14.22 14.28 29.26
N LEU A 32 12.98 14.61 28.91
CA LEU A 32 12.44 15.93 29.17
C LEU A 32 12.38 16.27 30.66
N THR A 33 12.36 15.29 31.55
CA THR A 33 12.31 15.58 32.99
C THR A 33 13.67 15.50 33.68
N GLY A 34 14.73 15.09 32.98
CA GLY A 34 16.00 14.86 33.63
C GLY A 34 16.16 13.49 34.25
N LYS A 35 15.18 12.60 34.08
CA LYS A 35 15.24 11.25 34.63
C LYS A 35 16.20 10.38 33.82
N ALA A 40 22.10 15.32 29.14
CA ALA A 40 20.98 16.26 28.93
C ALA A 40 20.99 16.81 27.51
N PRO A 41 19.81 17.09 26.95
CA PRO A 41 19.75 17.54 25.56
C PRO A 41 20.37 18.91 25.39
N PHE A 42 21.05 19.09 24.27
CA PHE A 42 21.54 20.39 23.84
C PHE A 42 20.39 21.31 23.46
N VAL A 43 20.36 22.52 24.04
CA VAL A 43 19.22 23.41 23.82
C VAL A 43 19.50 24.33 22.63
N ILE A 44 18.58 24.32 21.70
CA ILE A 44 18.58 25.13 20.49
C ILE A 44 17.55 26.21 20.67
N HIS A 45 18.04 27.43 20.79
CA HIS A 45 17.16 28.54 21.11
C HIS A 45 17.46 29.79 20.29
N ASP A 46 18.42 29.73 19.37
CA ASP A 46 18.80 30.86 18.51
C ASP A 46 19.65 30.33 17.36
N ILE A 47 20.07 31.23 16.48
CA ILE A 47 20.81 30.79 15.28
C ILE A 47 22.14 30.13 15.66
N GLU A 48 22.88 30.69 16.61
CA GLU A 48 24.17 30.10 16.97
C GLU A 48 24.02 28.68 17.46
N THR A 49 23.06 28.45 18.35
CA THR A 49 22.92 27.08 18.81
C THR A 49 22.31 26.19 17.72
N LEU A 50 21.48 26.74 16.85
CA LEU A 50 21.01 25.96 15.70
C LEU A 50 22.18 25.47 14.88
N TRP A 51 23.10 26.37 14.56
CA TRP A 51 24.26 25.97 13.78
C TRP A 51 25.14 24.96 14.52
N GLN A 52 25.38 25.19 15.80
CA GLN A 52 26.15 24.22 16.57
C GLN A 52 25.48 22.85 16.63
N ALA A 53 24.16 22.81 16.69
CA ALA A 53 23.49 21.52 16.70
C ALA A 53 23.63 20.80 15.37
N GLU A 54 23.58 21.53 14.26
CA GLU A 54 23.82 20.89 12.99
C GLU A 54 25.24 20.36 12.94
N LYS A 55 26.18 21.07 13.57
CA LYS A 55 27.58 20.63 13.56
C LYS A 55 27.84 19.49 14.54
N GLY A 56 27.17 19.50 15.69
CA GLY A 56 27.55 18.61 16.77
C GLY A 56 26.64 17.41 16.98
N LEU A 57 25.33 17.56 16.77
CA LEU A 57 24.40 16.46 17.01
C LEU A 57 24.35 15.49 15.83
N VAL A 58 23.84 14.30 16.12
CA VAL A 58 23.71 13.24 15.13
C VAL A 58 22.29 13.26 14.61
N TRP A 59 22.14 13.49 13.31
CA TRP A 59 20.83 13.59 12.66
C TRP A 59 20.58 12.35 11.81
N LYS A 60 19.35 11.84 11.84
CA LYS A 60 19.04 10.68 11.02
C LYS A 60 19.14 11.04 9.54
N GLN A 61 18.69 12.24 9.18
CA GLN A 61 18.86 12.80 7.85
C GLN A 61 20.10 13.68 7.84
N LEU A 62 21.10 13.30 7.06
CA LEU A 62 22.35 14.06 7.01
C LEU A 62 22.12 15.38 6.28
N VAL A 63 22.68 16.44 6.86
CA VAL A 63 22.31 17.77 6.43
C VAL A 63 22.54 17.93 4.94
N ASN A 64 23.61 17.32 4.40
CA ASN A 64 23.92 17.55 2.99
C ASN A 64 22.87 16.95 2.08
N GLY A 65 22.06 16.03 2.59
CA GLY A 65 20.93 15.52 1.84
C GLY A 65 19.76 16.47 1.73
N LEU A 66 19.63 17.43 2.65
CA LEU A 66 18.54 18.38 2.59
C LEU A 66 18.59 19.21 1.30
N PRO A 67 17.46 19.78 0.91
CA PRO A 67 17.44 20.69 -0.23
C PRO A 67 18.39 21.84 0.00
N PRO A 68 18.84 22.50 -1.06
CA PRO A 68 19.85 23.54 -0.89
C PRO A 68 19.43 24.57 0.14
N TYR A 69 20.41 25.12 0.83
CA TYR A 69 20.09 26.05 1.91
C TYR A 69 19.39 27.27 1.35
N LYS A 70 18.43 27.78 2.12
CA LYS A 70 17.74 29.02 1.77
C LYS A 70 17.85 30.06 2.90
N GLU A 71 17.42 29.75 4.11
CA GLU A 71 17.40 30.68 5.25
C GLU A 71 16.99 29.88 6.48
N ILE A 72 17.11 30.49 7.66
CA ILE A 72 16.90 29.77 8.92
C ILE A 72 15.48 29.20 9.00
N SER A 73 14.46 30.00 8.66
CA SER A 73 13.10 29.55 8.84
C SER A 73 12.80 28.36 7.95
N VAL A 74 13.39 28.35 6.76
CA VAL A 74 13.17 27.30 5.79
C VAL A 74 13.93 26.08 6.18
N HIS A 75 15.12 26.28 6.73
CA HIS A 75 15.91 25.16 7.18
C HIS A 75 15.18 24.40 8.26
N VAL A 76 14.58 25.14 9.19
CA VAL A 76 13.79 24.48 10.23
C VAL A 76 12.64 23.73 9.58
N PHE A 77 12.03 24.32 8.56
N PHE A 77 12.02 24.31 8.56
CA PHE A 77 10.90 23.67 7.89
CA PHE A 77 10.90 23.67 7.89
C PHE A 77 11.32 22.36 7.25
C PHE A 77 11.33 22.35 7.25
N TYR A 78 12.53 22.32 6.67
CA TYR A 78 13.04 21.14 6.03
C TYR A 78 13.33 20.06 7.04
N ARG A 79 13.80 20.45 8.21
CA ARG A 79 13.96 19.48 9.31
C ARG A 79 12.60 18.99 9.82
N CYS A 80 11.58 19.86 9.81
CA CYS A 80 10.23 19.39 10.13
C CYS A 80 9.75 18.34 9.13
N GLN A 81 9.98 18.58 7.84
CA GLN A 81 9.57 17.63 6.81
C GLN A 81 10.29 16.30 6.94
N CYS A 82 11.59 16.36 7.26
CA CYS A 82 12.37 15.14 7.47
C CYS A 82 11.70 14.24 8.46
N THR A 83 11.40 14.80 9.63
CA THR A 83 10.80 14.05 10.71
C THR A 83 9.39 13.61 10.37
N THR A 84 8.59 14.44 9.69
CA THR A 84 7.24 13.98 9.32
C THR A 84 7.32 12.79 8.36
N VAL A 85 8.17 12.88 7.32
CA VAL A 85 8.33 11.74 6.40
C VAL A 85 8.84 10.49 7.14
N GLU A 86 9.78 10.65 8.08
CA GLU A 86 10.25 9.50 8.81
C GLU A 86 9.13 8.91 9.68
N THR A 87 8.28 9.74 10.29
CA THR A 87 7.18 9.18 11.05
C THR A 87 6.15 8.53 10.15
N VAL A 88 5.96 9.00 8.92
CA VAL A 88 5.09 8.26 8.01
C VAL A 88 5.63 6.84 7.82
N ARG A 89 6.95 6.71 7.63
CA ARG A 89 7.52 5.38 7.46
C ARG A 89 7.24 4.51 8.67
N GLU A 90 7.41 5.07 9.86
CA GLU A 90 7.18 4.30 11.08
C GLU A 90 5.68 3.96 11.25
N LEU A 91 4.79 4.91 10.92
CA LEU A 91 3.35 4.65 11.03
C LEU A 91 2.89 3.61 10.04
N THR A 92 3.48 3.60 8.84
CA THR A 92 3.22 2.55 7.85
C THR A 92 3.61 1.18 8.40
N GLU A 93 4.80 1.07 8.98
CA GLU A 93 5.21 -0.25 9.50
C GLU A 93 4.40 -0.66 10.72
N PHE A 94 4.02 0.30 11.56
CA PHE A 94 3.10 0.02 12.66
C PHE A 94 1.77 -0.55 12.14
N ALA A 95 1.14 0.15 11.19
CA ALA A 95 -0.13 -0.31 10.63
C ALA A 95 0.00 -1.70 10.03
N LYS A 96 1.07 -1.95 9.29
CA LYS A 96 1.25 -3.27 8.66
C LYS A 96 1.49 -4.37 9.69
N SER A 97 1.98 -4.02 10.88
CA SER A 97 2.10 -5.01 11.94
C SER A 97 0.76 -5.30 12.62
N ILE A 98 -0.33 -4.70 12.18
CA ILE A 98 -1.67 -4.99 12.70
C ILE A 98 -2.38 -5.89 11.69
N PRO A 99 -2.59 -7.19 11.98
CA PRO A 99 -3.12 -8.09 10.94
C PRO A 99 -4.37 -7.58 10.22
N SER A 100 -5.33 -6.99 10.93
CA SER A 100 -6.54 -6.56 10.24
C SER A 100 -6.27 -5.39 9.30
N PHE A 101 -5.26 -4.56 9.57
CA PHE A 101 -4.85 -3.59 8.56
C PHE A 101 -4.22 -4.28 7.34
N SER A 102 -3.29 -5.22 7.56
CA SER A 102 -2.59 -5.87 6.45
C SER A 102 -3.51 -6.73 5.60
N SER A 103 -4.66 -7.14 6.14
CA SER A 103 -5.62 -7.91 5.36
C SER A 103 -6.43 -7.06 4.40
N LEU A 104 -6.49 -5.75 4.60
CA LEU A 104 -7.20 -4.88 3.68
C LEU A 104 -6.44 -4.82 2.36
N PHE A 105 -7.16 -4.57 1.29
CA PHE A 105 -6.47 -4.35 0.02
C PHE A 105 -5.51 -3.18 0.11
N LEU A 106 -4.43 -3.27 -0.65
CA LEU A 106 -3.36 -2.30 -0.51
C LEU A 106 -3.82 -0.88 -0.84
N ASN A 107 -4.77 -0.71 -1.77
CA ASN A 107 -5.24 0.64 -2.05
C ASN A 107 -6.00 1.23 -0.86
N ASP A 108 -6.78 0.43 -0.15
CA ASP A 108 -7.37 0.95 1.08
C ASP A 108 -6.33 1.23 2.14
N GLN A 109 -5.26 0.43 2.21
CA GLN A 109 -4.20 0.75 3.18
C GLN A 109 -3.62 2.13 2.91
N VAL A 110 -3.35 2.42 1.65
CA VAL A 110 -2.80 3.73 1.26
C VAL A 110 -3.81 4.83 1.55
N THR A 111 -5.11 4.59 1.29
CA THR A 111 -6.11 5.61 1.57
C THR A 111 -6.15 5.94 3.05
N LEU A 112 -6.06 4.93 3.89
CA LEU A 112 -6.10 5.16 5.33
C LEU A 112 -4.86 5.94 5.80
N LEU A 113 -3.67 5.56 5.33
CA LEU A 113 -2.45 6.27 5.71
C LEU A 113 -2.47 7.71 5.20
N LYS A 114 -2.89 7.92 3.94
CA LYS A 114 -2.94 9.26 3.34
C LYS A 114 -3.67 10.25 4.23
N TYR A 115 -4.84 9.86 4.72
CA TYR A 115 -5.72 10.75 5.44
C TYR A 115 -5.57 10.63 6.95
N GLY A 116 -4.79 9.67 7.43
CA GLY A 116 -4.64 9.49 8.85
C GLY A 116 -3.28 9.84 9.42
N VAL A 117 -2.24 9.84 8.60
CA VAL A 117 -0.91 9.93 9.20
C VAL A 117 -0.69 11.27 9.91
N HIS A 118 -1.22 12.36 9.39
CA HIS A 118 -0.94 13.65 10.05
C HIS A 118 -1.68 13.77 11.36
N GLU A 119 -2.91 13.28 11.42
CA GLU A 119 -3.57 13.18 12.70
C GLU A 119 -2.75 12.37 13.72
N ALA A 120 -2.19 11.25 13.29
CA ALA A 120 -1.41 10.42 14.19
C ALA A 120 -0.08 11.08 14.56
N ILE A 121 0.61 11.64 13.58
CA ILE A 121 1.80 12.43 13.84
C ILE A 121 1.53 13.48 14.90
N PHE A 122 0.48 14.29 14.74
CA PHE A 122 0.27 15.35 15.71
C PHE A 122 -0.10 14.81 17.07
N ALA A 123 -0.76 13.66 17.15
CA ALA A 123 -1.00 13.08 18.46
C ALA A 123 0.30 12.57 19.09
N MET A 124 1.13 11.86 18.33
CA MET A 124 2.35 11.33 18.90
C MET A 124 3.38 12.42 19.21
N LEU A 125 3.29 13.56 18.51
CA LEU A 125 4.16 14.69 18.79
C LEU A 125 4.05 15.12 20.24
N ALA A 126 2.85 15.05 20.81
CA ALA A 126 2.69 15.44 22.21
C ALA A 126 3.68 14.71 23.13
N SER A 127 4.08 13.49 22.77
CA SER A 127 4.98 12.71 23.61
C SER A 127 6.35 13.35 23.78
N ILE A 128 6.83 14.11 22.79
CA ILE A 128 8.17 14.73 22.86
C ILE A 128 8.12 16.23 23.15
N VAL A 129 6.99 16.75 23.58
CA VAL A 129 6.71 18.17 23.69
C VAL A 129 6.47 18.45 25.16
N ASN A 130 6.97 19.58 25.64
CA ASN A 130 6.39 20.17 26.84
C ASN A 130 6.09 21.63 26.55
N LYS A 131 5.71 22.35 27.60
CA LYS A 131 5.24 23.72 27.40
C LYS A 131 6.34 24.61 26.85
N ASP A 132 7.60 24.18 26.99
CA ASP A 132 8.77 25.01 26.61
C ASP A 132 9.46 24.62 25.31
N GLY A 133 9.13 23.50 24.70
CA GLY A 133 9.75 23.11 23.42
C GLY A 133 9.61 21.63 23.19
N LEU A 134 10.45 21.10 22.28
CA LEU A 134 10.34 19.70 21.94
C LEU A 134 11.71 19.08 21.66
N LEU A 135 11.78 17.76 21.83
CA LEU A 135 13.00 17.02 21.52
C LEU A 135 13.22 16.84 20.02
N VAL A 136 14.49 16.88 19.62
CA VAL A 136 14.92 16.61 18.26
C VAL A 136 16.16 15.74 18.30
N ALA A 137 16.58 15.24 17.14
CA ALA A 137 17.82 14.49 17.04
C ALA A 137 17.79 13.31 18.01
N ASN A 138 16.75 12.49 17.88
CA ASN A 138 16.66 11.30 18.73
C ASN A 138 16.78 11.62 20.22
N GLY A 139 16.22 12.74 20.67
CA GLY A 139 16.37 13.07 22.10
C GLY A 139 17.66 13.76 22.50
N SER A 140 18.61 13.95 21.58
N SER A 140 18.61 13.97 21.58
CA SER A 140 19.86 14.62 21.96
CA SER A 140 19.86 14.61 21.95
C SER A 140 19.74 16.13 21.97
C SER A 140 19.83 16.13 21.77
N GLY A 141 18.72 16.68 21.31
CA GLY A 141 18.53 18.11 21.25
C GLY A 141 17.14 18.49 21.72
N PHE A 142 17.00 19.76 22.09
CA PHE A 142 15.73 20.32 22.56
C PHE A 142 15.59 21.69 21.93
N VAL A 143 14.52 21.90 21.15
CA VAL A 143 14.30 23.17 20.47
C VAL A 143 13.22 23.94 21.18
N THR A 144 13.50 25.20 21.52
CA THR A 144 12.58 25.93 22.38
C THR A 144 11.41 26.46 21.54
N ARG A 145 10.23 26.41 22.16
CA ARG A 145 9.03 26.93 21.53
C ARG A 145 9.15 28.44 21.24
N GLU A 146 9.81 29.20 22.14
N GLU A 146 9.76 29.19 22.17
CA GLU A 146 10.03 30.63 21.88
CA GLU A 146 10.10 30.60 21.96
C GLU A 146 10.92 30.86 20.66
C GLU A 146 10.87 30.80 20.66
N PHE A 147 11.93 30.01 20.47
CA PHE A 147 12.69 30.08 19.21
C PHE A 147 11.79 29.80 18.00
N LEU A 148 10.96 28.76 18.07
CA LEU A 148 10.13 28.45 16.93
C LEU A 148 9.14 29.57 16.66
N ARG A 149 8.69 30.27 17.71
N ARG A 149 8.68 30.25 17.71
CA ARG A 149 7.81 31.43 17.55
CA ARG A 149 7.81 31.42 17.56
C ARG A 149 8.51 32.58 16.86
C ARG A 149 8.51 32.54 16.83
N SER A 150 9.84 32.65 16.99
CA SER A 150 10.63 33.71 16.43
C SER A 150 10.85 33.57 14.93
N LEU A 151 10.48 32.44 14.34
CA LEU A 151 10.71 32.26 12.93
C LEU A 151 9.72 33.11 12.18
N ARG A 152 10.01 33.35 10.91
CA ARG A 152 9.13 34.29 10.22
C ARG A 152 7.84 33.57 9.86
N LYS A 153 6.75 34.35 9.75
CA LYS A 153 5.52 33.83 9.16
C LYS A 153 5.87 33.45 7.75
N PRO A 154 5.31 32.37 7.24
CA PRO A 154 4.26 31.46 7.72
C PRO A 154 4.72 30.26 8.56
N PHE A 155 6.02 30.17 8.80
CA PHE A 155 6.59 28.99 9.43
C PHE A 155 6.35 28.97 10.93
N SER A 156 6.40 30.12 11.60
CA SER A 156 6.08 30.15 13.03
C SER A 156 4.62 29.77 13.27
N ASP A 157 3.74 30.24 12.40
CA ASP A 157 2.30 30.04 12.57
C ASP A 157 1.90 28.60 12.36
N ILE A 158 2.67 27.82 11.59
CA ILE A 158 2.28 26.42 11.35
C ILE A 158 2.73 25.55 12.50
N ILE A 159 3.59 26.06 13.36
CA ILE A 159 4.16 25.30 14.46
C ILE A 159 3.36 25.49 15.73
N GLU A 160 2.95 26.73 16.08
CA GLU A 160 2.45 27.00 17.42
C GLU A 160 1.15 26.25 17.76
N PRO A 161 0.21 26.08 16.83
CA PRO A 161 -1.02 25.33 17.14
C PRO A 161 -0.79 23.91 17.67
N LYS A 162 0.31 23.29 17.26
CA LYS A 162 0.62 21.92 17.65
C LYS A 162 1.07 21.86 19.06
N PHE A 163 1.72 22.95 19.53
CA PHE A 163 2.07 23.03 20.92
C PHE A 163 0.83 23.18 21.76
N GLU A 164 -0.10 24.03 21.34
CA GLU A 164 -1.32 24.22 22.10
C GLU A 164 -2.07 22.91 22.26
N PHE A 165 -2.23 22.17 21.15
CA PHE A 165 -2.86 20.85 21.20
C PHE A 165 -2.10 19.91 22.14
N ALA A 166 -0.77 19.93 22.04
CA ALA A 166 0.04 18.93 22.75
C ALA A 166 -0.03 19.09 24.24
N VAL A 167 0.04 20.35 24.70
CA VAL A 167 0.06 20.59 26.14
C VAL A 167 -1.27 20.13 26.74
N LYS A 168 -2.37 20.40 26.03
CA LYS A 168 -3.68 19.94 26.51
C LYS A 168 -3.73 18.41 26.50
N PHE A 169 -3.27 17.78 25.41
CA PHE A 169 -3.30 16.34 25.28
C PHE A 169 -2.47 15.67 26.35
N ASN A 170 -1.31 16.23 26.67
CA ASN A 170 -0.45 15.65 27.72
C ASN A 170 -1.07 15.74 29.11
N ALA A 171 -2.01 16.67 29.36
CA ALA A 171 -2.72 16.70 30.63
C ALA A 171 -3.55 15.43 30.88
N LEU A 172 -3.90 14.66 29.85
CA LEU A 172 -4.64 13.42 30.04
C LEU A 172 -3.74 12.26 30.50
N GLU A 173 -2.41 12.42 30.37
CA GLU A 173 -1.45 11.52 31.00
C GLU A 173 -1.55 10.09 30.45
N LEU A 174 -1.84 9.96 29.16
CA LEU A 174 -1.75 8.65 28.50
C LEU A 174 -0.34 8.10 28.56
N ASP A 175 -0.23 6.78 28.70
CA ASP A 175 1.05 6.12 28.49
C ASP A 175 1.08 5.46 27.12
N ASP A 176 2.21 4.81 26.82
CA ASP A 176 2.44 4.24 25.49
C ASP A 176 1.38 3.19 25.15
N SER A 177 0.96 2.43 26.14
CA SER A 177 0.02 1.35 25.87
C SER A 177 -1.34 1.92 25.45
N ASP A 178 -1.76 3.06 26.03
CA ASP A 178 -2.95 3.77 25.55
C ASP A 178 -2.73 4.36 24.16
N LEU A 179 -1.58 5.04 23.97
CA LEU A 179 -1.32 5.69 22.70
C LEU A 179 -1.33 4.71 21.55
N ALA A 180 -0.81 3.52 21.76
CA ALA A 180 -0.85 2.50 20.72
C ALA A 180 -2.25 2.30 20.16
N LEU A 181 -3.24 2.14 21.04
CA LEU A 181 -4.62 1.94 20.61
C LEU A 181 -5.23 3.21 20.02
N PHE A 182 -4.91 4.36 20.62
CA PHE A 182 -5.40 5.65 20.12
C PHE A 182 -4.95 5.88 18.68
N ILE A 183 -3.64 5.76 18.45
CA ILE A 183 -3.09 5.87 17.11
C ILE A 183 -3.68 4.84 16.16
N ALA A 184 -3.88 3.61 16.63
CA ALA A 184 -4.45 2.61 15.72
C ALA A 184 -5.88 2.97 15.34
N ALA A 185 -6.59 3.60 16.29
CA ALA A 185 -7.95 4.09 16.02
C ALA A 185 -7.98 5.26 15.05
N ILE A 186 -6.96 6.13 15.06
CA ILE A 186 -6.88 7.21 14.08
C ILE A 186 -6.62 6.65 12.69
N ILE A 187 -5.73 5.67 12.56
N ILE A 187 -5.76 5.65 12.54
CA ILE A 187 -5.43 5.11 11.24
CA ILE A 187 -5.44 5.13 11.21
C ILE A 187 -6.62 4.35 10.71
C ILE A 187 -6.58 4.29 10.68
N LEU A 188 -7.15 3.43 11.50
CA LEU A 188 -8.26 2.55 11.05
C LEU A 188 -9.60 3.27 11.19
N CYS A 189 -9.82 4.23 10.31
CA CYS A 189 -10.94 5.16 10.43
C CYS A 189 -11.85 5.00 9.24
N GLY A 190 -13.11 4.70 9.49
CA GLY A 190 -13.96 4.44 8.34
C GLY A 190 -14.47 5.64 7.60
N ASP A 191 -14.23 6.84 8.10
CA ASP A 191 -14.66 8.11 7.52
C ASP A 191 -13.84 8.58 6.30
N ARG A 192 -12.70 7.96 5.97
CA ARG A 192 -11.78 8.61 5.03
C ARG A 192 -12.33 8.61 3.59
N PRO A 193 -12.13 9.69 2.84
CA PRO A 193 -12.65 9.75 1.46
C PRO A 193 -12.08 8.65 0.56
N GLY A 194 -12.96 8.03 -0.22
CA GLY A 194 -12.50 7.12 -1.26
C GLY A 194 -12.16 5.72 -0.78
N LEU A 195 -12.48 5.41 0.47
CA LEU A 195 -12.28 4.05 0.98
C LEU A 195 -13.14 3.07 0.20
N MET A 196 -12.57 1.90 -0.07
CA MET A 196 -13.26 0.93 -0.91
C MET A 196 -14.17 0.05 -0.09
N ASN A 197 -13.68 -0.50 1.02
CA ASN A 197 -14.47 -1.40 1.89
C ASN A 197 -14.73 -0.69 3.22
N VAL A 198 -15.69 0.23 3.21
CA VAL A 198 -15.99 1.02 4.40
C VAL A 198 -16.48 0.13 5.55
N PRO A 199 -17.41 -0.79 5.33
CA PRO A 199 -17.93 -1.57 6.46
C PRO A 199 -16.86 -2.36 7.15
N ARG A 200 -15.88 -2.87 6.39
CA ARG A 200 -14.79 -3.62 7.01
C ARG A 200 -13.93 -2.71 7.89
N VAL A 201 -13.59 -1.52 7.40
CA VAL A 201 -12.78 -0.60 8.19
C VAL A 201 -13.54 -0.12 9.42
N GLU A 202 -14.83 0.13 9.27
CA GLU A 202 -15.63 0.57 10.40
C GLU A 202 -15.72 -0.50 11.47
N ALA A 203 -15.82 -1.77 11.07
CA ALA A 203 -15.79 -2.88 12.02
C ALA A 203 -14.46 -2.94 12.77
N ILE A 204 -13.34 -2.83 12.06
CA ILE A 204 -12.04 -2.82 12.73
C ILE A 204 -11.94 -1.65 13.69
N GLN A 205 -12.29 -0.45 13.23
CA GLN A 205 -12.22 0.71 14.09
C GLN A 205 -13.02 0.47 15.36
N ASP A 206 -14.21 -0.07 15.20
CA ASP A 206 -15.06 -0.28 16.37
C ASP A 206 -14.42 -1.25 17.37
N THR A 207 -13.80 -2.33 16.89
CA THR A 207 -13.04 -3.21 17.77
C THR A 207 -11.93 -2.48 18.52
N ILE A 208 -11.19 -1.63 17.81
CA ILE A 208 -10.09 -0.91 18.47
C ILE A 208 -10.63 0.00 19.56
N LEU A 209 -11.71 0.72 19.26
CA LEU A 209 -12.32 1.63 20.21
C LEU A 209 -12.85 0.90 21.44
N ARG A 210 -13.41 -0.29 21.25
CA ARG A 210 -13.85 -1.06 22.39
C ARG A 210 -12.65 -1.56 23.18
N ALA A 211 -11.61 -2.01 22.49
CA ALA A 211 -10.38 -2.37 23.17
C ALA A 211 -9.83 -1.17 23.95
N LEU A 212 -9.79 -0.01 23.33
CA LEU A 212 -9.31 1.18 24.02
C LEU A 212 -10.13 1.48 25.27
N GLU A 213 -11.47 1.45 25.17
CA GLU A 213 -12.31 1.80 26.33
C GLU A 213 -12.04 0.86 27.50
N PHE A 214 -11.91 -0.43 27.23
CA PHE A 214 -11.62 -1.36 28.28
C PHE A 214 -10.19 -1.21 28.81
N HIS A 215 -9.23 -0.94 27.93
CA HIS A 215 -7.86 -0.65 28.36
C HIS A 215 -7.83 0.51 29.34
N LEU A 216 -8.49 1.61 29.01
CA LEU A 216 -8.55 2.75 29.92
C LEU A 216 -9.22 2.41 31.24
N GLN A 217 -10.15 1.47 31.23
CA GLN A 217 -10.77 1.06 32.49
C GLN A 217 -9.75 0.38 33.40
N ALA A 218 -8.89 -0.45 32.84
CA ALA A 218 -7.94 -1.17 33.66
C ALA A 218 -6.78 -0.28 34.06
N ASN A 219 -6.19 0.39 33.08
CA ASN A 219 -4.94 1.13 33.24
C ASN A 219 -5.15 2.46 33.97
N HIS A 220 -6.31 3.09 33.79
CA HIS A 220 -6.62 4.40 34.38
C HIS A 220 -7.90 4.33 35.21
N PRO A 221 -7.90 3.56 36.29
CA PRO A 221 -9.17 3.26 36.97
C PRO A 221 -9.86 4.47 37.60
N ASP A 222 -9.10 5.51 37.95
CA ASP A 222 -9.63 6.67 38.67
C ASP A 222 -9.94 7.85 37.77
N ALA A 223 -9.73 7.73 36.46
CA ALA A 223 -9.94 8.85 35.55
C ALA A 223 -11.40 8.95 35.14
N GLN A 224 -11.90 10.19 35.12
CA GLN A 224 -13.30 10.44 34.83
C GLN A 224 -13.46 10.97 33.40
N TYR A 225 -14.33 10.31 32.65
CA TYR A 225 -14.71 10.77 31.33
C TYR A 225 -13.53 10.69 30.35
N LEU A 226 -12.56 9.82 30.61
CA LEU A 226 -11.35 9.82 29.81
C LEU A 226 -11.60 9.27 28.41
N PHE A 227 -12.39 8.21 28.27
CA PHE A 227 -12.64 7.70 26.92
C PHE A 227 -13.41 8.69 26.07
N PRO A 228 -14.46 9.34 26.58
CA PRO A 228 -15.09 10.43 25.81
C PRO A 228 -14.16 11.57 25.54
N LYS A 229 -13.32 11.93 26.50
CA LYS A 229 -12.35 12.99 26.28
C LYS A 229 -11.46 12.71 25.08
N LEU A 230 -11.03 11.46 24.92
CA LEU A 230 -10.21 11.04 23.80
C LEU A 230 -10.97 10.94 22.50
N LEU A 231 -12.26 10.58 22.51
CA LEU A 231 -13.02 10.68 21.27
C LEU A 231 -13.07 12.14 20.80
N GLN A 232 -13.20 13.08 21.74
CA GLN A 232 -13.19 14.47 21.38
C GLN A 232 -11.83 14.88 20.83
N LYS A 233 -10.74 14.39 21.41
CA LYS A 233 -9.42 14.72 20.85
C LYS A 233 -9.27 14.22 19.43
N MET A 234 -9.90 13.07 19.11
CA MET A 234 -9.84 12.57 17.75
C MET A 234 -10.51 13.54 16.81
N ALA A 235 -11.63 14.12 17.25
CA ALA A 235 -12.28 15.17 16.46
C ALA A 235 -11.42 16.41 16.41
N ASP A 236 -10.76 16.80 17.53
CA ASP A 236 -9.87 17.96 17.56
C ASP A 236 -8.70 17.79 16.58
N LEU A 237 -8.16 16.57 16.50
CA LEU A 237 -7.09 16.30 15.53
C LEU A 237 -7.53 16.49 14.08
N ARG A 238 -8.78 16.13 13.73
CA ARG A 238 -9.23 16.37 12.36
C ARG A 238 -9.21 17.87 12.07
N GLN A 239 -9.63 18.69 13.03
CA GLN A 239 -9.66 20.11 12.74
C GLN A 239 -8.25 20.67 12.69
N LEU A 240 -7.35 20.16 13.55
CA LEU A 240 -5.96 20.60 13.51
C LEU A 240 -5.33 20.28 12.16
N VAL A 241 -5.71 19.16 11.55
CA VAL A 241 -5.09 18.78 10.30
C VAL A 241 -5.72 19.53 9.14
N THR A 242 -7.02 19.84 9.22
CA THR A 242 -7.62 20.75 8.24
C THR A 242 -6.88 22.08 8.17
N GLU A 243 -6.71 22.71 9.34
CA GLU A 243 -5.98 23.96 9.45
C GLU A 243 -4.55 23.82 9.00
N HIS A 244 -3.87 22.73 9.38
CA HIS A 244 -2.50 22.51 8.95
C HIS A 244 -2.39 22.46 7.43
N ALA A 245 -3.31 21.73 6.78
CA ALA A 245 -3.31 21.60 5.33
C ALA A 245 -3.57 22.93 4.66
N GLN A 246 -4.44 23.74 5.26
CA GLN A 246 -4.68 25.08 4.72
C GLN A 246 -3.41 25.92 4.80
N MET A 247 -2.65 25.81 5.89
CA MET A 247 -1.39 26.55 5.99
C MET A 247 -0.37 26.03 4.99
N MET A 248 -0.30 24.70 4.80
CA MET A 248 0.57 24.13 3.77
C MET A 248 0.20 24.68 2.41
N GLN A 249 -1.08 24.83 2.13
CA GLN A 249 -1.47 25.39 0.85
C GLN A 249 -0.93 26.82 0.70
N ARG A 250 -0.93 27.59 1.78
CA ARG A 250 -0.43 28.95 1.69
C ARG A 250 1.07 28.98 1.53
N ILE A 251 1.79 28.01 2.11
CA ILE A 251 3.24 27.93 1.90
C ILE A 251 3.56 27.55 0.46
N LYS A 252 2.78 26.64 -0.12
CA LYS A 252 2.98 26.31 -1.52
C LYS A 252 2.65 27.50 -2.42
N LYS A 253 1.68 28.34 -2.05
CA LYS A 253 1.33 29.46 -2.90
C LYS A 253 2.31 30.61 -2.76
N THR A 254 2.79 30.87 -1.56
CA THR A 254 3.51 32.12 -1.29
C THR A 254 5.00 31.93 -1.03
N GLU A 255 5.45 30.72 -0.74
CA GLU A 255 6.89 30.45 -0.50
C GLU A 255 7.42 29.54 -1.62
N THR A 256 7.42 30.07 -2.83
CA THR A 256 7.68 29.26 -4.01
C THR A 256 9.11 28.72 -4.08
N GLU A 257 10.07 29.32 -3.38
CA GLU A 257 11.41 28.76 -3.33
C GLU A 257 11.60 27.68 -2.27
N THR A 258 10.55 27.30 -1.51
CA THR A 258 10.67 26.25 -0.51
C THR A 258 10.22 24.92 -1.12
N SER A 259 11.06 23.90 -1.05
CA SER A 259 10.76 22.58 -1.57
C SER A 259 9.84 21.80 -0.63
N LEU A 260 9.06 20.91 -1.21
N LEU A 260 8.94 21.01 -1.21
CA LEU A 260 8.07 20.14 -0.49
CA LEU A 260 8.11 20.11 -0.43
C LEU A 260 8.27 18.68 -0.87
C LEU A 260 8.42 18.69 -0.87
N HIS A 261 8.68 17.86 0.10
CA HIS A 261 9.02 16.46 -0.16
C HIS A 261 7.95 15.81 -1.04
N PRO A 262 8.34 14.98 -2.01
CA PRO A 262 7.33 14.41 -2.92
C PRO A 262 6.28 13.56 -2.23
N LEU A 263 6.60 12.84 -1.17
CA LEU A 263 5.57 12.07 -0.50
C LEU A 263 4.53 12.98 0.12
N LEU A 264 4.98 14.12 0.65
CA LEU A 264 4.02 15.03 1.26
C LEU A 264 3.17 15.70 0.19
N GLN A 265 3.77 15.98 -0.97
CA GLN A 265 2.98 16.43 -2.12
C GLN A 265 1.82 15.46 -2.42
N GLU A 266 2.11 14.15 -2.48
CA GLU A 266 1.06 13.16 -2.74
C GLU A 266 -0.01 13.17 -1.64
N ILE A 267 0.37 13.39 -0.39
CA ILE A 267 -0.63 13.41 0.68
C ILE A 267 -1.56 14.61 0.53
N TYR A 268 -1.00 15.78 0.25
CA TYR A 268 -1.78 17.01 0.10
C TYR A 268 -2.38 17.15 -1.30
N LYS A 269 -2.04 16.23 -2.21
CA LYS A 269 -2.39 16.37 -3.62
C LYS A 269 -3.87 16.62 -3.78
N ASP A 270 -4.68 15.84 -3.09
CA ASP A 270 -6.10 15.82 -3.30
C ASP A 270 -6.73 17.05 -2.68
N ASP B 5 24.16 -9.68 -7.21
CA ASP B 5 24.36 -11.05 -7.69
C ASP B 5 23.09 -11.58 -8.35
N LEU B 6 23.08 -11.63 -9.69
CA LEU B 6 21.85 -11.89 -10.41
C LEU B 6 21.36 -13.33 -10.23
N LYS B 7 22.30 -14.26 -10.05
CA LYS B 7 22.01 -15.64 -9.71
C LYS B 7 21.07 -15.76 -8.52
N ALA B 8 21.50 -15.25 -7.36
CA ALA B 8 20.68 -15.38 -6.16
C ALA B 8 19.40 -14.55 -6.25
N PHE B 9 19.47 -13.40 -6.91
CA PHE B 9 18.30 -12.56 -7.15
C PHE B 9 17.24 -13.31 -7.95
N SER B 10 17.65 -13.97 -9.04
CA SER B 10 16.69 -14.78 -9.76
C SER B 10 16.10 -15.85 -8.87
N LYS B 11 16.96 -16.54 -8.11
CA LYS B 11 16.50 -17.64 -7.27
C LYS B 11 15.50 -17.15 -6.23
N HIS B 12 15.70 -15.94 -5.69
CA HIS B 12 14.75 -15.42 -4.71
C HIS B 12 13.39 -15.15 -5.35
N ILE B 13 13.37 -14.58 -6.55
CA ILE B 13 12.11 -14.29 -7.23
C ILE B 13 11.39 -15.57 -7.63
N TYR B 14 12.14 -16.60 -8.03
CA TYR B 14 11.56 -17.90 -8.36
C TYR B 14 10.87 -18.52 -7.16
N ASN B 15 11.55 -18.56 -6.01
CA ASN B 15 10.91 -19.04 -4.80
C ASN B 15 9.67 -18.24 -4.44
N ALA B 16 9.69 -16.91 -4.65
CA ALA B 16 8.55 -16.08 -4.35
C ALA B 16 7.37 -16.42 -5.25
N TYR B 17 7.67 -16.73 -6.50
CA TYR B 17 6.65 -17.15 -7.45
C TYR B 17 6.02 -18.47 -7.01
N LEU B 18 6.88 -19.47 -6.72
CA LEU B 18 6.37 -20.75 -6.23
C LEU B 18 5.59 -20.60 -4.94
N LYS B 19 6.05 -19.72 -4.05
CA LYS B 19 5.36 -19.57 -2.77
C LYS B 19 3.99 -18.93 -2.94
N ASN B 20 3.80 -18.05 -3.92
CA ASN B 20 2.56 -17.26 -3.97
C ASN B 20 1.56 -17.65 -5.05
N PHE B 21 1.92 -18.45 -6.05
CA PHE B 21 0.97 -18.89 -7.05
C PHE B 21 0.68 -20.39 -6.86
N ASN B 22 -0.61 -20.76 -6.84
CA ASN B 22 -0.95 -22.16 -6.62
C ASN B 22 -0.73 -23.00 -7.88
N MET B 23 -1.33 -22.59 -8.99
CA MET B 23 -1.17 -23.31 -10.25
C MET B 23 0.07 -22.79 -10.99
N THR B 24 1.09 -23.63 -11.10
CA THR B 24 2.26 -23.28 -11.92
C THR B 24 2.09 -23.82 -13.33
N LYS B 25 2.85 -23.25 -14.26
CA LYS B 25 2.79 -23.76 -15.63
C LYS B 25 3.16 -25.22 -15.67
N LYS B 26 4.12 -25.64 -14.84
CA LYS B 26 4.49 -27.04 -14.76
C LYS B 26 3.28 -27.91 -14.38
N LYS B 27 2.55 -27.53 -13.33
CA LYS B 27 1.34 -28.29 -12.97
C LYS B 27 0.29 -28.23 -14.08
N ALA B 28 0.02 -27.03 -14.57
CA ALA B 28 -0.93 -26.81 -15.65
C ALA B 28 -0.65 -27.74 -16.83
N ARG B 29 0.57 -27.73 -17.34
CA ARG B 29 0.81 -28.40 -18.62
C ARG B 29 0.77 -29.91 -18.46
N SER B 30 1.02 -30.42 -17.25
CA SER B 30 0.88 -31.85 -17.02
C SER B 30 -0.60 -32.26 -17.04
N ILE B 31 -1.47 -31.40 -16.51
CA ILE B 31 -2.92 -31.63 -16.61
C ILE B 31 -3.37 -31.54 -18.05
N LEU B 32 -2.99 -30.48 -18.75
CA LEU B 32 -3.43 -30.36 -20.13
C LEU B 32 -2.85 -31.45 -21.03
N THR B 33 -1.96 -32.30 -20.50
CA THR B 33 -1.45 -33.44 -21.27
C THR B 33 -1.75 -34.72 -20.50
N GLY B 34 -0.80 -35.26 -19.74
CA GLY B 34 -1.04 -36.46 -18.97
C GLY B 34 -0.10 -36.59 -17.78
N ALA B 40 -8.47 -36.49 -15.82
CA ALA B 40 -8.56 -35.39 -16.77
C ALA B 40 -9.67 -34.47 -16.31
N PRO B 41 -9.52 -33.17 -16.59
CA PRO B 41 -10.49 -32.22 -16.06
C PRO B 41 -11.85 -32.41 -16.71
N PHE B 42 -12.88 -31.99 -15.99
CA PHE B 42 -14.24 -32.03 -16.52
C PHE B 42 -14.40 -30.92 -17.54
N VAL B 43 -14.88 -31.25 -18.73
CA VAL B 43 -14.98 -30.29 -19.83
C VAL B 43 -16.32 -29.58 -19.79
N ILE B 44 -16.26 -28.26 -19.80
CA ILE B 44 -17.39 -27.34 -19.87
C ILE B 44 -17.44 -26.74 -21.26
N HIS B 45 -18.50 -27.03 -22.00
CA HIS B 45 -18.63 -26.61 -23.38
C HIS B 45 -20.03 -26.13 -23.74
N ASP B 46 -20.94 -26.07 -22.77
CA ASP B 46 -22.33 -25.66 -23.00
C ASP B 46 -22.99 -25.45 -21.64
N ILE B 47 -24.24 -24.99 -21.67
CA ILE B 47 -24.97 -24.69 -20.44
C ILE B 47 -25.04 -25.91 -19.54
N GLU B 48 -25.38 -27.08 -20.08
CA GLU B 48 -25.61 -28.23 -19.20
C GLU B 48 -24.36 -28.60 -18.46
N THR B 49 -23.22 -28.59 -19.14
CA THR B 49 -21.97 -28.89 -18.47
C THR B 49 -21.52 -27.73 -17.58
N LEU B 50 -21.84 -26.49 -17.91
CA LEU B 50 -21.56 -25.40 -16.98
C LEU B 50 -22.30 -25.60 -15.68
N TRP B 51 -23.58 -26.00 -15.78
CA TRP B 51 -24.39 -26.21 -14.59
C TRP B 51 -23.85 -27.41 -13.78
N GLN B 52 -23.53 -28.52 -14.44
CA GLN B 52 -22.93 -29.65 -13.73
C GLN B 52 -21.62 -29.29 -13.07
N ALA B 53 -20.87 -28.36 -13.66
CA ALA B 53 -19.61 -27.99 -13.06
C ALA B 53 -19.80 -27.12 -11.83
N GLU B 54 -20.82 -26.28 -11.82
CA GLU B 54 -21.08 -25.47 -10.63
C GLU B 54 -21.58 -26.32 -9.50
N LYS B 55 -22.16 -27.47 -9.81
CA LYS B 55 -22.65 -28.39 -8.80
C LYS B 55 -21.59 -29.36 -8.35
N GLY B 56 -20.64 -29.69 -9.22
CA GLY B 56 -19.78 -30.82 -8.98
C GLY B 56 -18.31 -30.54 -8.79
N LEU B 57 -17.81 -29.37 -9.22
CA LEU B 57 -16.42 -29.01 -8.99
C LEU B 57 -16.31 -28.15 -7.74
N VAL B 58 -15.11 -28.16 -7.15
CA VAL B 58 -14.81 -27.30 -6.01
C VAL B 58 -14.31 -25.97 -6.56
N TRP B 59 -14.89 -24.87 -6.07
CA TRP B 59 -14.56 -23.53 -6.52
C TRP B 59 -13.99 -22.73 -5.36
N LYS B 60 -12.90 -22.00 -5.63
CA LYS B 60 -12.35 -21.07 -4.65
C LYS B 60 -13.44 -20.14 -4.11
N GLN B 61 -14.18 -19.50 -5.02
CA GLN B 61 -15.28 -18.63 -4.67
C GLN B 61 -16.58 -19.43 -4.76
N LEU B 62 -17.33 -19.46 -3.66
CA LEU B 62 -18.56 -20.23 -3.63
C LEU B 62 -19.67 -19.49 -4.38
N VAL B 63 -20.51 -20.25 -5.10
CA VAL B 63 -21.38 -19.66 -6.10
C VAL B 63 -22.38 -18.70 -5.45
N ASN B 64 -22.90 -19.05 -4.28
CA ASN B 64 -23.86 -18.17 -3.63
C ASN B 64 -23.21 -16.85 -3.24
N GLY B 65 -21.87 -16.81 -3.20
CA GLY B 65 -21.18 -15.56 -2.98
C GLY B 65 -21.25 -14.61 -4.16
N LEU B 66 -21.33 -15.14 -5.38
CA LEU B 66 -21.37 -14.30 -6.57
C LEU B 66 -22.61 -13.38 -6.55
N PRO B 67 -22.61 -12.36 -7.39
CA PRO B 67 -23.78 -11.50 -7.51
C PRO B 67 -24.99 -12.28 -7.97
N PRO B 68 -26.20 -11.80 -7.68
CA PRO B 68 -27.39 -12.50 -8.15
C PRO B 68 -27.28 -12.89 -9.60
N TYR B 69 -27.85 -14.04 -9.92
CA TYR B 69 -27.76 -14.59 -11.26
C TYR B 69 -28.46 -13.67 -12.24
N LYS B 70 -27.98 -13.70 -13.50
CA LYS B 70 -28.61 -12.93 -14.55
C LYS B 70 -28.77 -13.80 -15.79
N GLU B 71 -27.69 -14.44 -16.23
CA GLU B 71 -27.69 -15.16 -17.49
C GLU B 71 -26.29 -15.77 -17.64
N ILE B 72 -26.15 -16.70 -18.60
CA ILE B 72 -24.93 -17.50 -18.68
C ILE B 72 -23.71 -16.63 -18.98
N SER B 73 -23.81 -15.73 -19.98
CA SER B 73 -22.64 -14.92 -20.36
C SER B 73 -22.17 -14.08 -19.18
N VAL B 74 -23.13 -13.54 -18.42
CA VAL B 74 -22.81 -12.70 -17.27
C VAL B 74 -22.26 -13.54 -16.14
N HIS B 75 -22.80 -14.72 -15.97
CA HIS B 75 -22.27 -15.65 -15.00
C HIS B 75 -20.82 -15.98 -15.31
N VAL B 76 -20.48 -16.23 -16.59
CA VAL B 76 -19.09 -16.52 -16.93
C VAL B 76 -18.22 -15.29 -16.61
N PHE B 77 -18.73 -14.13 -16.94
CA PHE B 77 -18.00 -12.90 -16.64
C PHE B 77 -17.69 -12.77 -15.15
N TYR B 78 -18.63 -13.15 -14.28
CA TYR B 78 -18.40 -13.08 -12.83
C TYR B 78 -17.36 -14.07 -12.38
N ARG B 79 -17.36 -15.26 -12.95
CA ARG B 79 -16.28 -16.20 -12.67
C ARG B 79 -14.93 -15.67 -13.12
N CYS B 80 -14.89 -14.96 -14.26
CA CYS B 80 -13.63 -14.36 -14.70
C CYS B 80 -13.15 -13.33 -13.71
N GLN B 81 -14.07 -12.50 -13.22
CA GLN B 81 -13.72 -11.44 -12.28
C GLN B 81 -13.22 -12.03 -10.98
N CYS B 82 -13.86 -13.11 -10.51
CA CYS B 82 -13.40 -13.84 -9.34
C CYS B 82 -11.95 -14.19 -9.46
N THR B 83 -11.59 -14.83 -10.58
CA THR B 83 -10.22 -15.29 -10.77
C THR B 83 -9.26 -14.12 -10.93
N THR B 84 -9.68 -13.04 -11.61
CA THR B 84 -8.76 -11.90 -11.74
C THR B 84 -8.52 -11.25 -10.38
N VAL B 85 -9.57 -11.10 -9.56
CA VAL B 85 -9.35 -10.49 -8.26
C VAL B 85 -8.47 -11.39 -7.39
N GLU B 86 -8.71 -12.71 -7.41
CA GLU B 86 -7.82 -13.61 -6.69
C GLU B 86 -6.36 -13.53 -7.19
N THR B 87 -6.15 -13.39 -8.49
CA THR B 87 -4.78 -13.29 -8.97
C THR B 87 -4.12 -11.96 -8.60
N VAL B 88 -4.90 -10.88 -8.50
CA VAL B 88 -4.36 -9.64 -7.94
C VAL B 88 -3.84 -9.88 -6.53
N ARG B 89 -4.59 -10.64 -5.73
CA ARG B 89 -4.13 -10.92 -4.38
C ARG B 89 -2.80 -11.64 -4.39
N GLU B 90 -2.67 -12.66 -5.26
CA GLU B 90 -1.41 -13.40 -5.32
C GLU B 90 -0.27 -12.51 -5.84
N LEU B 91 -0.55 -11.68 -6.84
CA LEU B 91 0.48 -10.81 -7.39
C LEU B 91 0.94 -9.77 -6.38
N THR B 92 0.04 -9.29 -5.50
CA THR B 92 0.43 -8.39 -4.41
C THR B 92 1.41 -9.04 -3.45
N GLU B 93 1.11 -10.26 -3.02
CA GLU B 93 2.02 -10.97 -2.12
C GLU B 93 3.30 -11.35 -2.84
N PHE B 94 3.23 -11.73 -4.11
CA PHE B 94 4.45 -11.96 -4.89
C PHE B 94 5.35 -10.73 -4.89
N ALA B 95 4.80 -9.60 -5.32
CA ALA B 95 5.56 -8.35 -5.42
C ALA B 95 6.16 -7.98 -4.07
N LYS B 96 5.37 -8.03 -3.02
CA LYS B 96 5.89 -7.74 -1.68
C LYS B 96 6.96 -8.72 -1.27
N SER B 97 6.96 -9.94 -1.84
CA SER B 97 8.03 -10.88 -1.55
C SER B 97 9.34 -10.50 -2.24
N ILE B 98 9.38 -9.38 -2.94
CA ILE B 98 10.61 -8.86 -3.53
C ILE B 98 11.11 -7.71 -2.66
N PRO B 99 12.26 -7.84 -1.98
CA PRO B 99 12.64 -6.79 -1.03
C PRO B 99 12.68 -5.39 -1.62
N SER B 100 13.21 -5.22 -2.84
CA SER B 100 13.23 -3.88 -3.43
C SER B 100 11.82 -3.34 -3.72
N PHE B 101 10.85 -4.19 -4.06
CA PHE B 101 9.49 -3.68 -4.15
C PHE B 101 8.97 -3.23 -2.79
N SER B 102 9.17 -4.04 -1.75
CA SER B 102 8.65 -3.71 -0.43
C SER B 102 9.28 -2.47 0.14
N SER B 103 10.46 -2.08 -0.37
CA SER B 103 11.14 -0.88 0.09
C SER B 103 10.58 0.39 -0.50
N LEU B 104 9.82 0.30 -1.57
CA LEU B 104 9.15 1.48 -2.10
C LEU B 104 8.04 1.94 -1.15
N PHE B 105 7.77 3.24 -1.17
CA PHE B 105 6.63 3.73 -0.42
C PHE B 105 5.36 3.04 -0.92
N LEU B 106 4.46 2.81 0.01
CA LEU B 106 3.25 2.05 -0.27
C LEU B 106 2.46 2.60 -1.44
N ASN B 107 2.44 3.92 -1.60
CA ASN B 107 1.68 4.51 -2.70
C ASN B 107 2.25 4.14 -4.07
N ASP B 108 3.57 4.10 -4.20
CA ASP B 108 4.19 3.62 -5.44
C ASP B 108 3.94 2.13 -5.64
N GLN B 109 3.94 1.34 -4.57
CA GLN B 109 3.54 -0.05 -4.69
C GLN B 109 2.14 -0.16 -5.32
N VAL B 110 1.20 0.66 -4.84
CA VAL B 110 -0.18 0.58 -5.35
C VAL B 110 -0.22 1.03 -6.81
N THR B 111 0.56 2.05 -7.15
CA THR B 111 0.61 2.50 -8.55
C THR B 111 1.13 1.41 -9.46
N LEU B 112 2.20 0.74 -9.05
CA LEU B 112 2.75 -0.31 -9.87
C LEU B 112 1.74 -1.46 -10.03
N LEU B 113 1.10 -1.88 -8.96
CA LEU B 113 0.13 -2.96 -9.10
C LEU B 113 -1.06 -2.50 -9.93
N LYS B 114 -1.58 -1.30 -9.66
CA LYS B 114 -2.72 -0.82 -10.44
C LYS B 114 -2.52 -0.99 -11.94
N TYR B 115 -1.36 -0.58 -12.45
CA TYR B 115 -1.14 -0.53 -13.86
C TYR B 115 -0.45 -1.77 -14.38
N GLY B 116 0.03 -2.63 -13.49
CA GLY B 116 0.76 -3.82 -13.87
C GLY B 116 -0.05 -5.12 -13.80
N VAL B 117 -1.05 -5.23 -12.92
CA VAL B 117 -1.52 -6.58 -12.62
C VAL B 117 -2.14 -7.22 -13.85
N HIS B 118 -2.86 -6.46 -14.65
CA HIS B 118 -3.52 -7.10 -15.79
C HIS B 118 -2.54 -7.56 -16.84
N GLU B 119 -1.49 -6.80 -17.07
CA GLU B 119 -0.44 -7.32 -17.94
C GLU B 119 0.11 -8.63 -17.41
N ALA B 120 0.38 -8.67 -16.11
CA ALA B 120 0.90 -9.89 -15.51
C ALA B 120 -0.16 -11.01 -15.58
N ILE B 121 -1.41 -10.70 -15.30
CA ILE B 121 -2.46 -11.70 -15.38
C ILE B 121 -2.57 -12.30 -16.78
N PHE B 122 -2.58 -11.46 -17.82
CA PHE B 122 -2.69 -12.02 -19.16
C PHE B 122 -1.43 -12.76 -19.56
N ALA B 123 -0.29 -12.47 -18.95
CA ALA B 123 0.88 -13.26 -19.31
C ALA B 123 0.82 -14.64 -18.65
N MET B 124 0.43 -14.69 -17.37
CA MET B 124 0.37 -15.96 -16.65
CA MET B 124 0.37 -15.96 -16.66
C MET B 124 -0.76 -16.84 -17.17
N LEU B 125 -1.80 -16.22 -17.71
CA LEU B 125 -2.92 -16.93 -18.28
C LEU B 125 -2.50 -17.95 -19.32
N ALA B 126 -1.42 -17.67 -20.08
CA ALA B 126 -0.96 -18.60 -21.11
C ALA B 126 -0.60 -19.94 -20.49
N SER B 127 -0.16 -19.95 -19.24
CA SER B 127 0.22 -21.19 -18.59
C SER B 127 -0.92 -22.19 -18.54
N ILE B 128 -2.15 -21.72 -18.33
CA ILE B 128 -3.31 -22.61 -18.19
C ILE B 128 -4.13 -22.75 -19.46
N VAL B 129 -3.59 -22.29 -20.58
CA VAL B 129 -4.31 -22.15 -21.84
C VAL B 129 -3.68 -23.10 -22.84
N ASN B 130 -4.51 -23.67 -23.70
CA ASN B 130 -4.06 -24.19 -24.97
C ASN B 130 -5.03 -23.69 -26.03
N LYS B 131 -4.81 -24.12 -27.27
CA LYS B 131 -5.58 -23.54 -28.34
C LYS B 131 -7.05 -23.92 -28.26
N ASP B 132 -7.42 -24.87 -27.40
CA ASP B 132 -8.79 -25.36 -27.31
C ASP B 132 -9.57 -24.85 -26.10
N GLY B 133 -8.92 -24.22 -25.13
CA GLY B 133 -9.60 -23.74 -23.94
C GLY B 133 -8.60 -23.50 -22.81
N LEU B 134 -9.13 -23.44 -21.59
CA LEU B 134 -8.29 -23.22 -20.42
C LEU B 134 -8.84 -23.93 -19.19
N LEU B 135 -7.91 -24.15 -18.26
CA LEU B 135 -8.25 -24.77 -16.99
C LEU B 135 -8.97 -23.81 -16.07
N VAL B 136 -9.88 -24.37 -15.27
CA VAL B 136 -10.60 -23.62 -14.27
C VAL B 136 -10.71 -24.51 -13.02
N ALA B 137 -11.17 -23.90 -11.93
CA ALA B 137 -11.36 -24.62 -10.68
C ALA B 137 -10.12 -25.45 -10.33
N ASN B 138 -8.98 -24.77 -10.30
CA ASN B 138 -7.72 -25.37 -9.88
C ASN B 138 -7.34 -26.59 -10.73
N GLY B 139 -7.63 -26.54 -12.02
CA GLY B 139 -7.25 -27.63 -12.88
C GLY B 139 -8.21 -28.81 -12.91
N SER B 140 -9.32 -28.77 -12.16
CA SER B 140 -10.32 -29.84 -12.25
C SER B 140 -11.38 -29.61 -13.34
N GLY B 141 -11.43 -28.44 -13.97
CA GLY B 141 -12.28 -28.24 -15.12
C GLY B 141 -11.49 -27.63 -16.26
N PHE B 142 -12.08 -27.69 -17.44
CA PHE B 142 -11.49 -27.16 -18.67
C PHE B 142 -12.62 -26.54 -19.47
N VAL B 143 -12.56 -25.25 -19.73
CA VAL B 143 -13.63 -24.57 -20.46
C VAL B 143 -13.16 -24.39 -21.88
N THR B 144 -14.00 -24.79 -22.83
CA THR B 144 -13.52 -24.75 -24.20
C THR B 144 -13.61 -23.33 -24.74
N ARG B 145 -12.69 -23.02 -25.64
CA ARG B 145 -12.65 -21.70 -26.26
C ARG B 145 -13.86 -21.50 -27.17
N GLU B 146 -14.31 -22.56 -27.86
CA GLU B 146 -15.53 -22.50 -28.65
C GLU B 146 -16.73 -22.09 -27.82
N PHE B 147 -16.86 -22.63 -26.61
CA PHE B 147 -17.94 -22.22 -25.72
C PHE B 147 -17.79 -20.76 -25.35
N LEU B 148 -16.57 -20.31 -25.06
CA LEU B 148 -16.45 -18.90 -24.68
C LEU B 148 -16.74 -18.00 -25.87
N ARG B 149 -16.36 -18.42 -27.09
CA ARG B 149 -16.75 -17.69 -28.30
C ARG B 149 -18.26 -17.61 -28.44
N SER B 150 -18.99 -18.59 -27.93
CA SER B 150 -20.42 -18.63 -28.17
C SER B 150 -21.18 -17.67 -27.24
N LEU B 151 -20.50 -17.08 -26.26
CA LEU B 151 -21.20 -16.17 -25.38
C LEU B 151 -21.61 -14.92 -26.15
N ARG B 152 -22.61 -14.22 -25.63
CA ARG B 152 -23.05 -13.11 -26.43
C ARG B 152 -22.05 -11.96 -26.31
N LYS B 153 -22.09 -11.06 -27.28
CA LYS B 153 -21.23 -9.90 -27.22
C LYS B 153 -21.84 -8.97 -26.17
N PRO B 154 -20.99 -8.21 -25.47
CA PRO B 154 -19.55 -8.03 -25.58
C PRO B 154 -18.69 -9.04 -24.80
N PHE B 155 -19.30 -10.10 -24.28
CA PHE B 155 -18.55 -10.96 -23.36
C PHE B 155 -17.62 -11.88 -24.13
N SER B 156 -18.09 -12.39 -25.26
CA SER B 156 -17.19 -13.15 -26.12
C SER B 156 -16.04 -12.29 -26.63
N ASP B 157 -16.28 -11.00 -26.80
CA ASP B 157 -15.25 -10.16 -27.42
C ASP B 157 -14.09 -9.88 -26.46
N ILE B 158 -14.35 -9.84 -25.16
CA ILE B 158 -13.29 -9.57 -24.17
C ILE B 158 -12.39 -10.78 -23.97
N ILE B 159 -12.85 -11.97 -24.32
CA ILE B 159 -12.13 -13.21 -24.04
C ILE B 159 -11.18 -13.61 -25.18
N GLU B 160 -11.61 -13.55 -26.42
CA GLU B 160 -10.85 -14.20 -27.49
C GLU B 160 -9.47 -13.60 -27.76
N PRO B 161 -9.28 -12.27 -27.65
CA PRO B 161 -7.94 -11.71 -27.83
C PRO B 161 -6.90 -12.28 -26.88
N LYS B 162 -7.30 -12.74 -25.68
CA LYS B 162 -6.35 -13.30 -24.72
C LYS B 162 -5.87 -14.66 -25.17
N PHE B 163 -6.77 -15.43 -25.79
CA PHE B 163 -6.38 -16.71 -26.38
C PHE B 163 -5.37 -16.50 -27.48
N GLU B 164 -5.58 -15.49 -28.32
CA GLU B 164 -4.64 -15.20 -29.40
C GLU B 164 -3.25 -14.91 -28.84
N PHE B 165 -3.17 -14.07 -27.80
CA PHE B 165 -1.88 -13.74 -27.21
C PHE B 165 -1.25 -14.97 -26.56
N ALA B 166 -2.07 -15.72 -25.83
CA ALA B 166 -1.61 -16.89 -25.09
C ALA B 166 -0.94 -17.90 -26.00
N VAL B 167 -1.60 -18.25 -27.12
CA VAL B 167 -1.06 -19.33 -27.94
C VAL B 167 0.29 -18.92 -28.50
N LYS B 168 0.39 -17.67 -28.96
CA LYS B 168 1.68 -17.14 -29.40
C LYS B 168 2.72 -17.14 -28.28
N PHE B 169 2.32 -16.75 -27.07
CA PHE B 169 3.27 -16.65 -25.98
C PHE B 169 3.78 -18.04 -25.61
N ASN B 170 2.91 -19.04 -25.67
CA ASN B 170 3.28 -20.40 -25.30
C ASN B 170 4.28 -21.00 -26.29
N ALA B 171 4.29 -20.53 -27.54
CA ALA B 171 5.31 -20.97 -28.47
C ALA B 171 6.74 -20.61 -28.05
N LEU B 172 6.93 -19.64 -27.14
CA LEU B 172 8.28 -19.34 -26.65
C LEU B 172 8.76 -20.35 -25.61
N GLU B 173 7.87 -21.19 -25.07
CA GLU B 173 8.24 -22.30 -24.20
C GLU B 173 9.04 -21.84 -22.98
N LEU B 174 8.59 -20.78 -22.34
CA LEU B 174 9.09 -20.42 -21.02
C LEU B 174 8.67 -21.44 -19.98
N ASP B 175 9.51 -21.60 -18.97
CA ASP B 175 9.12 -22.37 -17.79
C ASP B 175 8.93 -21.41 -16.64
N ASP B 176 8.56 -21.96 -15.48
CA ASP B 176 8.14 -21.12 -14.35
C ASP B 176 9.28 -20.21 -13.87
N SER B 177 10.53 -20.68 -13.94
CA SER B 177 11.64 -19.85 -13.49
C SER B 177 11.83 -18.63 -14.37
N ASP B 178 11.57 -18.76 -15.69
CA ASP B 178 11.60 -17.62 -16.58
C ASP B 178 10.42 -16.70 -16.27
N LEU B 179 9.22 -17.27 -16.15
CA LEU B 179 8.03 -16.46 -15.94
C LEU B 179 8.09 -15.66 -14.65
N ALA B 180 8.72 -16.20 -13.61
CA ALA B 180 8.82 -15.44 -12.38
C ALA B 180 9.52 -14.12 -12.61
N LEU B 181 10.63 -14.16 -13.35
CA LEU B 181 11.36 -12.95 -13.63
C LEU B 181 10.59 -12.06 -14.59
N PHE B 182 9.94 -12.68 -15.57
CA PHE B 182 9.20 -11.92 -16.55
C PHE B 182 8.07 -11.15 -15.89
N ILE B 183 7.34 -11.81 -15.00
CA ILE B 183 6.25 -11.11 -14.33
C ILE B 183 6.79 -10.05 -13.38
N ALA B 184 7.92 -10.30 -12.73
CA ALA B 184 8.50 -9.26 -11.87
C ALA B 184 8.83 -8.04 -12.70
N ALA B 185 9.31 -8.27 -13.93
CA ALA B 185 9.70 -7.16 -14.80
C ALA B 185 8.49 -6.34 -15.24
N ILE B 186 7.36 -7.01 -15.49
CA ILE B 186 6.08 -6.31 -15.75
C ILE B 186 5.64 -5.44 -14.57
N ILE B 187 5.75 -5.95 -13.33
CA ILE B 187 5.24 -5.17 -12.20
C ILE B 187 6.16 -3.99 -11.93
N LEU B 188 7.48 -4.23 -11.96
CA LEU B 188 8.48 -3.19 -11.61
C LEU B 188 8.85 -2.42 -12.85
N CYS B 189 7.98 -1.50 -13.21
CA CYS B 189 8.02 -0.89 -14.52
C CYS B 189 7.98 0.62 -14.33
N GLY B 190 9.02 1.31 -14.79
CA GLY B 190 9.17 2.72 -14.48
C GLY B 190 8.28 3.65 -15.25
N ASP B 191 7.56 3.16 -16.25
CA ASP B 191 6.70 3.96 -17.11
C ASP B 191 5.30 4.22 -16.54
N ARG B 192 4.96 3.72 -15.36
CA ARG B 192 3.55 3.78 -14.97
C ARG B 192 3.17 5.21 -14.57
N PRO B 193 1.97 5.65 -14.92
CA PRO B 193 1.60 7.04 -14.63
C PRO B 193 1.49 7.30 -13.14
N GLY B 194 1.96 8.49 -12.73
CA GLY B 194 1.82 8.92 -11.37
C GLY B 194 2.86 8.37 -10.43
N LEU B 195 3.89 7.68 -10.93
CA LEU B 195 4.89 7.12 -10.05
C LEU B 195 5.64 8.25 -9.40
N MET B 196 5.95 8.07 -8.13
CA MET B 196 6.62 9.10 -7.36
C MET B 196 8.13 8.98 -7.57
N ASN B 197 8.70 7.81 -7.33
CA ASN B 197 10.15 7.62 -7.45
C ASN B 197 10.47 6.86 -8.73
N VAL B 198 10.40 7.55 -9.87
CA VAL B 198 10.69 6.91 -11.15
C VAL B 198 12.11 6.35 -11.21
N PRO B 199 13.15 7.09 -10.83
CA PRO B 199 14.49 6.54 -11.02
C PRO B 199 14.73 5.32 -10.20
N ARG B 200 14.13 5.24 -9.02
CA ARG B 200 14.27 4.05 -8.17
C ARG B 200 13.62 2.83 -8.83
N VAL B 201 12.38 2.97 -9.32
CA VAL B 201 11.70 1.88 -10.02
C VAL B 201 12.42 1.51 -11.31
N GLU B 202 12.94 2.50 -12.05
CA GLU B 202 13.65 2.17 -13.28
C GLU B 202 14.91 1.36 -12.96
N ALA B 203 15.57 1.68 -11.84
CA ALA B 203 16.76 0.93 -11.45
C ALA B 203 16.43 -0.51 -11.08
N ILE B 204 15.35 -0.72 -10.35
CA ILE B 204 14.96 -2.08 -10.01
C ILE B 204 14.58 -2.85 -11.28
N GLN B 205 13.80 -2.23 -12.17
CA GLN B 205 13.43 -2.91 -13.39
C GLN B 205 14.67 -3.34 -14.16
N ASP B 206 15.64 -2.46 -14.24
CA ASP B 206 16.86 -2.81 -14.97
C ASP B 206 17.55 -4.04 -14.40
N THR B 207 17.64 -4.13 -13.08
CA THR B 207 18.27 -5.31 -12.48
C THR B 207 17.49 -6.59 -12.84
N ILE B 208 16.17 -6.52 -12.78
CA ILE B 208 15.36 -7.70 -13.10
C ILE B 208 15.57 -8.11 -14.55
N LEU B 209 15.54 -7.14 -15.46
CA LEU B 209 15.80 -7.44 -16.86
C LEU B 209 17.19 -8.03 -17.07
N ARG B 210 18.21 -7.47 -16.42
CA ARG B 210 19.51 -8.11 -16.50
C ARG B 210 19.49 -9.52 -15.91
N ALA B 211 18.76 -9.70 -14.80
CA ALA B 211 18.58 -11.05 -14.26
C ALA B 211 17.91 -11.95 -15.28
N LEU B 212 16.91 -11.43 -15.96
CA LEU B 212 16.19 -12.26 -16.89
C LEU B 212 17.10 -12.69 -18.01
N GLU B 213 17.86 -11.76 -18.58
CA GLU B 213 18.75 -12.12 -19.68
C GLU B 213 19.79 -13.15 -19.23
N PHE B 214 20.38 -12.95 -18.06
CA PHE B 214 21.32 -13.92 -17.53
C PHE B 214 20.66 -15.29 -17.39
N HIS B 215 19.44 -15.31 -16.88
CA HIS B 215 18.72 -16.58 -16.66
C HIS B 215 18.36 -17.27 -17.97
N LEU B 216 17.83 -16.53 -18.94
CA LEU B 216 17.56 -17.10 -20.26
C LEU B 216 18.83 -17.58 -20.93
N GLN B 217 19.97 -16.98 -20.63
CA GLN B 217 21.21 -17.49 -21.19
C GLN B 217 21.49 -18.90 -20.70
N ALA B 218 21.28 -19.12 -19.41
CA ALA B 218 21.55 -20.43 -18.82
C ALA B 218 20.41 -21.40 -19.13
N ASN B 219 19.18 -21.00 -18.86
CA ASN B 219 18.06 -21.93 -18.95
C ASN B 219 17.75 -22.32 -20.40
N HIS B 220 17.97 -21.43 -21.36
CA HIS B 220 17.62 -21.69 -22.76
C HIS B 220 18.83 -21.41 -23.66
N PRO B 221 19.80 -22.30 -23.67
CA PRO B 221 21.07 -21.97 -24.34
C PRO B 221 20.97 -21.87 -25.85
N ASP B 222 19.98 -22.53 -26.45
CA ASP B 222 19.87 -22.68 -27.90
C ASP B 222 18.80 -21.78 -28.52
N ALA B 223 18.08 -21.00 -27.72
CA ALA B 223 17.00 -20.18 -28.26
C ALA B 223 17.56 -18.92 -28.90
N GLN B 224 17.00 -18.56 -30.05
CA GLN B 224 17.49 -17.43 -30.83
C GLN B 224 16.62 -16.20 -30.56
N TYR B 225 17.22 -15.15 -30.03
CA TYR B 225 16.57 -13.86 -29.88
C TYR B 225 15.45 -13.87 -28.84
N LEU B 226 15.54 -14.72 -27.81
CA LEU B 226 14.46 -14.89 -26.84
C LEU B 226 14.33 -13.67 -25.92
N PHE B 227 15.43 -13.06 -25.48
CA PHE B 227 15.29 -11.86 -24.65
C PHE B 227 14.64 -10.71 -25.42
N PRO B 228 15.08 -10.34 -26.62
CA PRO B 228 14.31 -9.31 -27.36
C PRO B 228 12.90 -9.71 -27.66
N LYS B 229 12.67 -10.99 -27.89
CA LYS B 229 11.31 -11.48 -28.11
C LYS B 229 10.43 -11.17 -26.92
N LEU B 230 10.94 -11.40 -25.70
CA LEU B 230 10.13 -11.17 -24.51
C LEU B 230 9.95 -9.69 -24.25
N LEU B 231 10.93 -8.81 -24.62
CA LEU B 231 10.72 -7.37 -24.50
C LEU B 231 9.56 -6.92 -25.37
N GLN B 232 9.46 -7.47 -26.57
CA GLN B 232 8.35 -7.13 -27.43
C GLN B 232 7.01 -7.65 -26.88
N LYS B 233 7.00 -8.81 -26.21
CA LYS B 233 5.77 -9.30 -25.59
C LYS B 233 5.29 -8.33 -24.51
N MET B 234 6.22 -7.72 -23.76
CA MET B 234 5.84 -6.74 -22.74
C MET B 234 5.14 -5.55 -23.38
N ALA B 235 5.64 -5.11 -24.55
CA ALA B 235 4.93 -4.07 -25.30
C ALA B 235 3.58 -4.55 -25.78
N ASP B 236 3.50 -5.80 -26.27
CA ASP B 236 2.24 -6.37 -26.73
C ASP B 236 1.23 -6.44 -25.61
N LEU B 237 1.69 -6.75 -24.40
CA LEU B 237 0.76 -6.85 -23.27
C LEU B 237 0.21 -5.49 -22.91
N ARG B 238 0.98 -4.42 -23.11
CA ARG B 238 0.46 -3.09 -22.80
C ARG B 238 -0.69 -2.75 -23.72
N GLN B 239 -0.55 -3.12 -25.00
CA GLN B 239 -1.62 -2.89 -25.97
C GLN B 239 -2.83 -3.81 -25.70
N LEU B 240 -2.59 -5.06 -25.31
CA LEU B 240 -3.70 -5.95 -24.95
C LEU B 240 -4.50 -5.37 -23.77
N VAL B 241 -3.83 -4.80 -22.78
CA VAL B 241 -4.56 -4.26 -21.62
C VAL B 241 -5.27 -2.97 -21.97
N THR B 242 -4.68 -2.11 -22.82
CA THR B 242 -5.41 -0.93 -23.30
C THR B 242 -6.74 -1.33 -23.94
N GLU B 243 -6.67 -2.31 -24.84
CA GLU B 243 -7.87 -2.81 -25.49
C GLU B 243 -8.83 -3.40 -24.48
N HIS B 244 -8.30 -4.14 -23.50
CA HIS B 244 -9.16 -4.75 -22.49
C HIS B 244 -9.88 -3.69 -21.68
N ALA B 245 -9.18 -2.61 -21.30
CA ALA B 245 -9.78 -1.57 -20.48
C ALA B 245 -10.87 -0.85 -21.26
N GLN B 246 -10.66 -0.67 -22.56
CA GLN B 246 -11.71 -0.06 -23.38
C GLN B 246 -12.95 -0.95 -23.45
N MET B 247 -12.76 -2.26 -23.62
CA MET B 247 -13.91 -3.15 -23.59
C MET B 247 -14.60 -3.12 -22.24
N MET B 248 -13.84 -3.09 -21.14
CA MET B 248 -14.46 -2.96 -19.82
C MET B 248 -15.23 -1.67 -19.68
N GLN B 249 -14.80 -0.59 -20.32
CA GLN B 249 -15.61 0.63 -20.23
C GLN B 249 -16.91 0.49 -21.02
N ARG B 250 -16.86 -0.20 -22.17
CA ARG B 250 -18.08 -0.46 -22.93
C ARG B 250 -19.07 -1.27 -22.12
N ILE B 251 -18.58 -2.25 -21.36
CA ILE B 251 -19.45 -3.09 -20.54
C ILE B 251 -20.07 -2.24 -19.41
N LYS B 252 -19.29 -1.39 -18.77
CA LYS B 252 -19.85 -0.51 -17.75
C LYS B 252 -20.94 0.39 -18.33
N LYS B 253 -20.83 0.77 -19.61
CA LYS B 253 -21.76 1.74 -20.21
C LYS B 253 -23.01 1.10 -20.78
N THR B 254 -22.94 -0.13 -21.26
CA THR B 254 -24.02 -0.77 -21.99
C THR B 254 -24.62 -1.98 -21.27
N GLU B 255 -23.93 -2.60 -20.33
CA GLU B 255 -24.47 -3.71 -19.55
C GLU B 255 -24.67 -3.26 -18.11
N THR B 256 -25.65 -2.37 -17.92
CA THR B 256 -25.80 -1.69 -16.63
C THR B 256 -26.27 -2.62 -15.50
N GLU B 257 -26.81 -3.80 -15.80
CA GLU B 257 -27.15 -4.76 -14.75
C GLU B 257 -26.00 -5.70 -14.39
N THR B 258 -24.84 -5.58 -15.02
CA THR B 258 -23.70 -6.42 -14.70
C THR B 258 -22.89 -5.74 -13.59
N SER B 259 -22.64 -6.43 -12.48
CA SER B 259 -21.81 -5.85 -11.42
C SER B 259 -20.34 -5.91 -11.78
N LEU B 260 -19.58 -4.88 -11.38
CA LEU B 260 -18.13 -4.91 -11.48
C LEU B 260 -17.55 -4.84 -10.08
N HIS B 261 -16.68 -5.78 -9.77
CA HIS B 261 -16.02 -5.82 -8.48
C HIS B 261 -15.37 -4.47 -8.14
N PRO B 262 -15.50 -3.99 -6.89
CA PRO B 262 -14.99 -2.65 -6.54
C PRO B 262 -13.50 -2.45 -6.79
N LEU B 263 -12.69 -3.48 -6.56
CA LEU B 263 -11.26 -3.34 -6.79
C LEU B 263 -10.97 -3.14 -8.26
N LEU B 264 -11.73 -3.82 -9.13
CA LEU B 264 -11.52 -3.64 -10.57
C LEU B 264 -11.99 -2.27 -11.01
N GLN B 265 -13.06 -1.76 -10.40
CA GLN B 265 -13.50 -0.39 -10.66
C GLN B 265 -12.37 0.60 -10.35
N GLU B 266 -11.71 0.43 -9.20
CA GLU B 266 -10.56 1.30 -8.85
C GLU B 266 -9.42 1.19 -9.87
N ILE B 267 -9.18 -0.01 -10.43
CA ILE B 267 -8.09 -0.18 -11.39
C ILE B 267 -8.40 0.51 -12.71
N TYR B 268 -9.67 0.50 -13.16
CA TYR B 268 -10.02 1.01 -14.49
C TYR B 268 -10.39 2.49 -14.57
N LYS B 269 -10.84 3.12 -13.48
CA LYS B 269 -11.47 4.44 -13.60
C LYS B 269 -10.61 5.45 -14.38
N ASP B 270 -9.29 5.36 -14.29
CA ASP B 270 -8.42 6.27 -15.01
C ASP B 270 -7.46 5.45 -15.88
N MET B 271 -7.99 4.97 -17.01
CA MET B 271 -7.21 4.19 -17.97
C MET B 271 -7.72 4.47 -19.37
C4 7SS C . 6.71 20.11 15.32
C5 7SS C . 6.72 20.03 13.93
C6 7SS C . 7.68 19.13 13.18
C7 7SS C . 5.16 21.65 11.08
C8 7SS C . 5.58 21.55 9.63
C10 7SS C . 5.43 20.18 7.62
C13 7SS C . 7.10 16.92 14.26
C15 7SS C . 10.41 18.70 14.40
C17 7SS C . 10.41 20.00 14.93
C20 7SS C . 12.70 18.93 13.71
C21 7SS C . 14.01 21.00 14.21
C22 7SS C . 5.80 16.98 13.52
C24 7SS C . 15.20 20.28 14.08
C26 7SS C . 15.27 23.01 14.57
C28 7SS C . 16.43 20.96 14.12
O3 7SS C . 9.43 16.76 15.17
C14 7SS C . 9.23 17.77 14.51
C18 7SS C . 11.57 20.76 14.84
C19 7SS C . 12.71 20.23 14.23
C25 7SS C . 14.07 22.35 14.51
C27 7SS C . 16.47 22.32 14.37
O4 7SS C . 17.66 23.00 14.41
C29 7SS C . 18.87 22.27 14.17
C16 7SS C . 11.52 18.17 13.84
N 7SS C . 8.08 17.98 13.98
C23 7SS C . 6.87 15.95 13.10
C3 7SS C . 5.85 20.98 15.98
C2 7SS C . 5.00 21.79 15.23
C1 7SS C . 5.01 21.71 13.86
C 7SS C . 5.89 20.85 13.22
O 7SS C . 5.97 20.77 11.87
C9 7SS C . 5.55 20.11 9.14
C11 7SS C . 5.56 18.83 6.93
C12 7SS C . 4.25 18.03 6.92
O1 7SS C . 4.31 16.78 6.96
O2 7SS C . 3.18 18.64 6.84
H3 7SS C . 7.37 19.47 15.90
H5 7SS C . 8.56 19.69 12.89
H4 7SS C . 7.19 18.78 12.26
H6 7SS C . 5.26 22.68 11.43
H7 7SS C . 4.10 21.36 11.17
H8 7SS C . 4.93 22.16 9.01
H9 7SS C . 6.60 21.94 9.52
H13 7SS C . 4.47 20.62 7.35
H12 7SS C . 6.22 20.85 7.23
H16 7SS C . 7.06 16.45 15.26
H18 7SS C . 9.52 20.39 15.40
H20 7SS C . 13.59 18.50 13.27
H21 7SS C . 4.93 16.58 14.04
H22 7SS C . 5.67 17.84 12.85
H25 7SS C . 15.17 19.22 13.88
H27 7SS C . 15.29 24.08 14.75
H28 7SS C . 17.36 20.42 13.97
H19 7SS C . 11.59 21.76 15.25
H26 7SS C . 13.14 22.90 14.65
H31 7SS C . 19.69 22.92 14.24
H30 7SS C . 18.83 21.85 13.19
H29 7SS C . 18.96 21.49 14.88
H17 7SS C . 11.48 17.16 13.44
H23 7SS C . 7.40 16.18 12.18
H24 7SS C . 6.66 14.92 13.36
H2 7SS C . 5.82 21.02 17.06
H1 7SS C . 4.32 22.46 15.73
H 7SS C . 4.36 22.36 13.28
H11 7SS C . 6.46 19.58 9.43
H10 7SS C . 4.68 19.58 9.56
H14 7SS C . 5.89 18.97 5.91
H15 7SS C . 6.33 18.24 7.45
C1 PGO D . 7.90 11.75 16.17
C1 PGO D . 8.26 11.62 16.60
C2 PGO D . 6.89 12.80 15.75
C2 PGO D . 6.87 12.23 16.78
C3 PGO D . 7.07 14.05 16.57
C3 PGO D . 5.81 11.24 16.35
O1 PGO D . 7.30 10.49 16.36
O1 PGO D . 9.17 12.58 16.11
O2 PGO D . 5.56 12.38 15.93
O2 PGO D . 6.69 13.38 15.99
H11 PGO D . 8.32 12.03 17.00
H11 PGO D . 8.20 10.88 15.96
H12 PGO D . 8.60 11.67 15.48
H12 PGO D . 8.57 11.28 17.46
H2 PGO D . 7.03 13.01 14.80
H2 PGO D . 6.74 12.46 17.73
H31 PGO D . 7.09 13.81 17.51
H31 PGO D . 6.00 10.96 15.44
H32 PGO D . 6.33 14.67 16.40
H32 PGO D . 4.94 11.68 16.39
H33 PGO D . 7.91 14.48 16.32
H33 PGO D . 5.82 10.48 16.95
HO1 PGO D . 7.92 9.86 16.46
HO1 PGO D . 9.98 12.24 16.10
HO2 PGO D . 5.01 12.92 15.49
HO2 PGO D . 5.86 13.70 16.10
C1 PEG E . -16.10 15.66 12.35
C1 PEG E . -17.06 14.29 13.09
O1 PEG E . -14.85 16.06 12.87
O1 PEG E . -18.24 13.60 13.39
C2 PEG E . -16.50 14.35 13.03
C2 PEG E . -15.84 13.42 13.42
O2 PEG E . -15.31 13.78 13.58
O2 PEG E . -16.14 12.38 14.34
C3 PEG E . -15.50 12.56 14.35
C3 PEG E . -15.00 11.96 15.15
C4 PEG E . -14.19 12.04 14.75
C4 PEG E . -15.17 10.56 15.55
O4 PEG E . -14.32 11.07 15.75
O4 PEG E . -14.77 10.39 16.88
H11 PEG E . -16.03 15.51 11.38
H11 PEG E . -17.02 15.12 13.61
H12 PEG E . -16.77 16.35 12.53
H12 PEG E . -17.06 14.52 12.13
HO1 PEG E . -14.24 15.98 12.24
HO1 PEG E . -18.91 14.17 13.47
H21 PEG E . -17.13 14.53 13.74
H21 PEG E . -15.50 13.03 12.60
H22 PEG E . -16.89 13.73 12.39
H22 PEG E . -15.13 13.99 13.80
H31 PEG E . -16.02 12.76 15.15
H31 PEG E . -14.19 12.04 14.64
H32 PEG E . -15.95 11.90 13.81
H32 PEG E . -14.94 12.51 15.94
H41 PEG E . -13.64 12.77 15.08
H41 PEG E . -14.61 10.00 14.98
H42 PEG E . -13.76 11.64 13.98
H42 PEG E . -16.09 10.31 15.46
HO4 PEG E . -13.83 10.43 15.58
HO4 PEG E . -14.64 9.58 17.04
C1 PEG F . 22.63 24.40 5.86
O1 PEG F . 23.03 23.32 5.03
C2 PEG F . 23.33 24.33 7.22
O2 PEG F . 22.47 24.87 8.21
C3 PEG F . 22.95 26.09 8.84
C4 PEG F . 21.85 26.84 9.40
O4 PEG F . 22.26 28.14 9.76
H11 PEG F . 21.66 24.36 5.99
H12 PEG F . 22.87 25.25 5.42
HO1 PEG F . 23.55 23.62 4.39
H21 PEG F . 24.16 24.83 7.19
H22 PEG F . 23.52 23.39 7.44
H31 PEG F . 23.41 26.63 8.17
H32 PEG F . 23.58 25.85 9.54
H41 PEG F . 21.12 26.89 8.76
H42 PEG F . 21.53 26.38 10.20
HO4 PEG F . 21.83 28.70 9.30
C5 B7G G . 14.01 10.76 2.55
O5 B7G G . 13.78 12.20 2.82
C1 B7G G . 14.09 12.55 4.22
C2 B7G G . 13.29 11.66 5.20
C3 B7G G . 13.50 10.22 4.94
C4 B7G G . 13.21 9.87 3.51
C6 B7G G . 13.69 10.46 1.11
O1 B7G G . 13.89 13.91 4.49
C7 B7G G . 13.25 14.77 3.53
C8 B7G G . 13.94 16.15 3.61
C9 B7G G . 13.06 17.40 3.35
C10 B7G G . 13.28 18.02 1.94
C11 B7G G . 12.21 17.48 0.97
C12 B7G G . 12.18 18.29 -0.35
O2 B7G G . 13.67 11.89 6.57
O3 B7G G . 12.65 9.44 5.84
O4 B7G G . 13.50 8.49 3.30
O6 B7G G . 12.43 9.87 0.96
C13 B7G G . 12.49 17.31 -1.50
H5 B7G G . 14.95 10.58 2.70
H1 B7G G . 15.04 12.35 4.37
H2 B7G G . 12.35 11.87 5.09
H3 B7G G . 14.43 10.00 5.12
H4 B7G G . 12.25 10.01 3.35
H61 B7G G . 13.72 11.29 0.60
H62 B7G G . 14.37 9.85 0.76
H71 B7G G . 13.35 14.40 2.63
H72 B7G G . 12.30 14.86 3.75
H81 B7G G . 14.32 16.23 4.50
H82 B7G G . 14.70 16.16 2.97
H91 B7G G . 13.30 18.07 4.02
H92 B7G G . 12.12 17.16 3.46
H101 B7G G . 14.17 17.80 1.61
H102 B7G G . 13.20 19.00 2.01
H111 B7G G . 11.32 17.53 1.40
H112 B7G G . 12.42 16.55 0.77
H121 B7G G . 11.29 18.67 -0.47
H122 B7G G . 12.84 19.00 -0.32
HO2 B7G G . 14.42 11.43 6.75
HO3 B7G G . 13.09 8.72 6.12
HO4 B7G G . 13.54 8.06 4.09
HO6 B7G G . 12.18 9.91 0.11
H131 B7G G . 12.52 17.82 -2.34
H132 B7G G . 13.35 16.89 -1.34
H133 B7G G . 11.79 16.64 -1.54
C5 B7G H . -2.09 7.01 -4.65
O5 B7G H . -1.13 7.64 -3.71
C1 B7G H . -1.71 8.81 -3.04
C2 B7G H . -2.09 9.84 -4.10
C3 B7G H . -3.10 9.26 -5.06
C4 B7G H . -2.66 7.98 -5.68
C6 B7G H . -1.37 5.92 -5.37
O1 B7G H . -0.82 9.29 -2.07
C7 B7G H . -0.89 8.66 -0.77
C8 B7G H . 0.23 9.12 0.19
C9 B7G H . 0.97 7.91 0.81
C10 B7G H . 0.98 7.95 2.34
C11 B7G H . 1.57 6.61 2.87
C12 B7G H . 3.01 6.39 2.37
O2 B7G H . -2.58 11.00 -3.41
O3 B7G H . -3.41 10.21 -6.14
O4 B7G H . -3.74 7.29 -6.34
O6 B7G H . -1.43 4.79 -4.55
C13 B7G H . 3.57 5.02 2.78
H5 B7G H . -2.82 6.63 -4.14
H1 B7G H . -2.53 8.53 -2.59
H2 B7G H . -1.29 10.08 -4.60
H3 B7G H . -3.93 9.10 -4.56
H4 B7G H . -1.96 8.18 -6.35
H61 B7G H . -0.44 6.18 -5.52
H62 B7G H . -1.82 5.74 -6.22
H71 B7G H . -0.84 7.70 -0.87
H72 B7G H . -1.76 8.89 -0.37
H81 B7G H . 0.87 9.65 -0.30
H82 B7G H . -0.15 9.67 0.92
H91 B7G H . 0.52 7.09 0.52
H92 B7G H . 1.88 7.90 0.47
H101 B7G H . 1.53 8.70 2.65
H102 B7G H . 0.06 8.04 2.67
H111 B7G H . 1.56 6.61 3.85
H112 B7G H . 1.02 5.87 2.55
H121 B7G H . 3.03 6.46 1.41
H122 B7G H . 3.58 7.09 2.75
HO2 B7G H . -1.92 11.60 -3.34
HO3 B7G H . -4.24 10.52 -6.04
HO4 B7G H . -3.45 6.99 -7.13
HO6 B7G H . -0.63 4.42 -4.52
H131 B7G H . 3.05 4.31 2.36
H132 B7G H . 3.54 4.93 3.75
H133 B7G H . 4.50 4.95 2.49
C5 B7G I . -5.62 4.65 -4.80
O5 B7G I . -6.05 3.33 -5.30
C1 B7G I . -6.27 3.22 -6.74
C2 B7G I . -7.18 4.34 -7.20
C3 B7G I . -6.63 5.69 -6.82
C4 B7G I . -6.45 5.80 -5.35
C6 B7G I . -5.80 4.69 -3.32
O1 B7G I . -6.78 1.95 -6.99
C7 B7G I . -5.78 0.91 -7.29
C8 B7G I . -6.42 -0.51 -7.25
C9 B7G I . -5.35 -1.61 -7.52
C10 B7G I . -4.67 -2.06 -6.21
C11 B7G I . -3.91 -3.39 -6.41
C12 B7G I . -4.48 -4.49 -5.48
O2 B7G I . -7.26 4.20 -8.61
O3 B7G I . -7.51 6.79 -7.24
O4 B7G I . -5.77 7.00 -4.96
O6 B7G I . -4.77 3.93 -2.75
C13 B7G I . -4.02 -4.31 -4.03
H5 B7G I . -4.69 4.79 -5.02
H1 B7G I . -5.41 3.30 -7.20
H2 B7G I . -8.07 4.23 -6.80
H3 B7G I . -5.77 5.80 -7.25
H4 B7G I . -7.33 5.79 -4.92
H61 B7G I . -6.65 4.31 -3.07
H62 B7G I . -5.73 5.62 -3.00
H71 B7G I . -5.40 1.08 -8.17
H72 B7G I . -5.07 0.95 -6.61
H81 B7G I . -7.13 -0.57 -7.92
H82 B7G I . -6.79 -0.64 -6.36
H91 B7G I . -4.68 -1.27 -8.13
H92 B7G I . -5.78 -2.39 -7.94
H101 B7G I . -4.04 -1.37 -5.92
H102 B7G I . -5.35 -2.18 -5.50
H111 B7G I . -2.97 -3.25 -6.18
H112 B7G I . -3.98 -3.69 -7.34
H121 B7G I . -4.18 -5.36 -5.79
H122 B7G I . -5.46 -4.46 -5.51
HO2 B7G I . -7.93 3.64 -8.82
HO3 B7G I . -7.26 7.08 -8.04
HO4 B7G I . -6.35 7.56 -4.58
HO6 B7G I . -5.07 3.54 -2.01
H131 B7G I . -4.37 -5.04 -3.48
H132 B7G I . -4.37 -3.46 -3.67
H133 B7G I . -3.05 -4.31 -3.99
C4 7SS J . -9.63 -15.89 -19.41
C5 7SS J . -10.28 -14.87 -18.72
C6 7SS J . -10.55 -14.99 -17.24
C7 7SS J . -11.81 -11.57 -19.22
C8 7SS J . -12.72 -10.90 -18.20
C10 7SS J . -12.71 -9.24 -16.44
C13 7SS J . -8.24 -15.41 -16.35
C15 7SS J . -11.23 -17.71 -16.11
C17 7SS J . -11.79 -18.05 -14.90
C20 7SS J . -13.13 -18.70 -17.24
C21 7SS J . -14.99 -19.82 -15.96
C22 7SS J . -7.84 -14.00 -16.71
C24 7SS J . -15.32 -20.51 -14.80
C26 7SS J . -16.96 -20.80 -17.01
C28 7SS J . -16.45 -21.29 -14.74
O3 7SS J . -9.00 -17.71 -15.55
C14 7SS J . -9.87 -17.05 -16.10
C18 7SS J . -13.02 -18.71 -14.83
C19 7SS J . -13.71 -19.02 -16.02
C25 7SS J . -15.81 -20.02 -17.08
C27 7SS J . -17.29 -21.45 -15.84
O4 7SS J . -18.42 -22.24 -15.76
C29 7SS J . -18.85 -22.76 -14.51
C16 7SS J . -11.87 -18.03 -17.30
N 7SS J . -9.61 -15.88 -16.59
C23 7SS J . -8.32 -14.31 -15.29
C3 7SS J . -9.42 -15.75 -20.78
C2 7SS J . -9.86 -14.59 -21.40
C1 7SS J . -10.47 -13.57 -20.73
C 7SS J . -10.70 -13.72 -19.37
O 7SS J . -11.33 -12.78 -18.63
C9 7SS J . -11.92 -10.40 -17.01
C11 7SS J . -12.22 -8.83 -15.06
C12 7SS J . -10.91 -8.09 -15.10
O1 7SS J . -10.04 -8.37 -14.26
O2 7SS J . -10.74 -7.20 -15.98
H3 7SS J . -9.31 -16.80 -18.90
H5 7SS J . -10.49 -14.01 -16.79
H4 7SS J . -11.57 -15.37 -17.10
H6 7SS J . -10.97 -10.90 -19.47
H7 7SS J . -12.36 -11.79 -20.13
H8 7SS J . -13.47 -11.61 -17.87
H9 7SS J . -13.23 -10.06 -18.67
H13 7SS J . -12.61 -8.38 -17.12
H12 7SS J . -13.76 -9.50 -16.39
H16 7SS J . -7.45 -16.12 -16.12
H18 7SS J . -11.26 -17.81 -13.98
H20 7SS J . -13.64 -18.97 -18.16
H21 7SS J . -8.54 -13.45 -17.34
H22 7SS J . -6.77 -13.82 -16.83
H25 7SS J . -14.68 -20.40 -13.92
H27 7SS J . -17.59 -20.91 -17.88
H28 7SS J . -16.70 -21.79 -13.81
H19 7SS J . -13.44 -18.99 -13.87
H26 7SS J . -15.57 -19.52 -18.01
H31 7SS J . -19.05 -21.96 -13.85
H30 7SS J . -19.73 -23.34 -14.64
H29 7SS J . -18.08 -23.37 -14.10
H17 7SS J . -11.44 -17.78 -18.26
H23 7SS J . -7.55 -14.33 -14.53
H24 7SS J . -9.32 -13.96 -15.04
H2 7SS J . -8.92 -16.53 -21.34
H1 7SS J . -9.67 -14.48 -22.47
H 7SS J . -10.80 -12.68 -21.24
H11 7SS J . -11.82 -11.20 -16.26
H10 7SS J . -10.93 -10.08 -17.31
H14 7SS J . -12.97 -8.20 -14.58
H15 7SS J . -12.10 -9.72 -14.44
C1 PGO K . -5.31 -17.07 -13.98
C2 PGO K . -4.11 -16.26 -13.56
C3 PGO K . -3.50 -15.67 -14.81
O1 PGO K . -5.57 -18.08 -13.04
O2 PGO K . -3.13 -17.03 -12.89
H11 PGO K . -5.13 -17.49 -14.84
H12 PGO K . -6.08 -16.49 -14.06
H2 PGO K . -4.40 -15.52 -12.98
H31 PGO K . -2.96 -16.34 -15.26
H32 PGO K . -2.94 -14.91 -14.57
H33 PGO K . -4.21 -15.37 -15.41
HO1 PGO K . -6.15 -18.67 -13.38
HO2 PGO K . -2.95 -17.75 -13.36
C1 PEG L . 9.43 -2.52 -22.31
O1 PEG L . 10.54 -3.29 -22.70
C2 PEG L . 8.45 -2.44 -23.49
O2 PEG L . 7.50 -1.39 -23.29
C3 PEG L . 7.48 -0.32 -24.27
C4 PEG L . 6.12 0.19 -24.42
O4 PEG L . 6.06 1.16 -25.42
H11 PEG L . 9.72 -1.62 -22.07
H12 PEG L . 8.98 -2.94 -21.55
HO1 PEG L . 11.19 -3.17 -22.12
H21 PEG L . 8.94 -2.27 -24.31
H22 PEG L . 7.97 -3.28 -23.57
H31 PEG L . 8.06 0.41 -23.96
H32 PEG L . 7.79 -0.65 -25.12
H41 PEG L . 5.82 0.59 -23.58
H42 PEG L . 5.53 -0.54 -24.65
HO4 PEG L . 5.27 1.38 -25.55
C1 PGO M . -26.25 -20.03 -11.47
C2 PGO M . -25.81 -21.39 -11.96
C3 PGO M . -24.45 -21.70 -11.43
O1 PGO M . -26.28 -20.02 -10.05
O2 PGO M . -25.79 -21.40 -13.38
H11 PGO M . -25.61 -19.36 -11.78
H12 PGO M . -27.13 -19.82 -11.82
H2 PGO M . -26.44 -22.07 -11.65
H31 PGO M . -23.78 -21.25 -11.98
H32 PGO M . -24.37 -21.38 -10.51
H33 PGO M . -24.29 -22.66 -11.46
HO1 PGO M . -26.90 -19.44 -9.78
HO2 PGO M . -25.67 -22.23 -13.67
#